data_1IRH
#
_entry.id   1IRH
#
_cell.length_a   ?
_cell.length_b   ?
_cell.length_c   ?
_cell.angle_alpha   ?
_cell.angle_beta   ?
_cell.angle_gamma   ?
#
_entity_poly.entity_id   1
_entity_poly.type   'polypeptide(L)'
_entity_poly.pdbx_seq_one_letter_code
;EFHGPSWCLTPADRGLCRANENRFYYNSVIGKCRPFKYSGCGGNENNFTSKQECLRACKKG
;
_entity_poly.pdbx_strand_id   A
#
# COMPACT_ATOMS: atom_id res chain seq x y z
N GLU A 1 2.51 1.83 -21.51
CA GLU A 1 1.10 1.30 -21.56
C GLU A 1 0.23 2.01 -20.52
N PHE A 2 0.66 2.01 -19.28
CA PHE A 2 -0.14 2.68 -18.21
C PHE A 2 0.27 4.14 -18.08
N HIS A 3 -0.64 5.00 -17.68
CA HIS A 3 -0.30 6.45 -17.53
C HIS A 3 0.79 6.62 -16.48
N GLY A 4 0.70 5.87 -15.40
CA GLY A 4 1.72 5.97 -14.33
C GLY A 4 1.23 6.93 -13.23
N PRO A 5 0.29 6.48 -12.41
CA PRO A 5 -0.23 7.36 -11.32
C PRO A 5 0.91 7.71 -10.35
N SER A 6 0.58 8.04 -9.13
CA SER A 6 1.65 8.39 -8.15
C SER A 6 1.30 7.88 -6.76
N TRP A 7 0.70 6.71 -6.68
CA TRP A 7 0.35 6.15 -5.33
C TRP A 7 0.24 4.62 -5.36
N CYS A 8 0.75 3.96 -6.38
CA CYS A 8 0.70 2.46 -6.40
C CYS A 8 2.13 1.90 -6.31
N LEU A 9 3.10 2.66 -6.76
CA LEU A 9 4.51 2.20 -6.69
C LEU A 9 5.30 3.03 -5.65
N THR A 10 4.62 3.80 -4.83
CA THR A 10 5.33 4.63 -3.81
C THR A 10 5.78 3.75 -2.62
N PRO A 11 6.86 4.12 -1.95
CA PRO A 11 7.32 3.30 -0.80
C PRO A 11 6.24 3.25 0.29
N ALA A 12 6.10 2.13 0.95
CA ALA A 12 5.06 2.01 2.01
C ALA A 12 5.28 3.06 3.11
N ASP A 13 4.39 4.01 3.22
CA ASP A 13 4.56 5.07 4.26
C ASP A 13 4.49 4.44 5.65
N ARG A 14 5.59 4.45 6.37
CA ARG A 14 5.60 3.86 7.74
C ARG A 14 6.41 4.74 8.69
N GLY A 15 5.96 5.95 8.94
CA GLY A 15 6.71 6.86 9.85
C GLY A 15 5.95 8.18 10.04
N LEU A 16 4.89 8.17 10.82
CA LEU A 16 4.13 9.43 11.06
C LEU A 16 3.37 9.35 12.40
N CYS A 17 2.22 8.72 12.42
CA CYS A 17 1.45 8.61 13.70
C CYS A 17 2.16 7.60 14.61
N ARG A 18 1.51 7.15 15.65
CA ARG A 18 2.14 6.16 16.57
C ARG A 18 1.17 5.01 16.86
N ALA A 19 0.78 4.29 15.84
CA ALA A 19 -0.15 3.15 16.02
C ALA A 19 0.37 1.92 15.27
N ASN A 20 0.40 0.78 15.92
CA ASN A 20 0.91 -0.46 15.26
C ASN A 20 -0.23 -1.15 14.50
N GLU A 21 -0.59 -0.64 13.36
CA GLU A 21 -1.69 -1.26 12.56
C GLU A 21 -1.15 -2.38 11.66
N ASN A 22 -1.88 -2.76 10.64
CA ASN A 22 -1.43 -3.83 9.73
C ASN A 22 -2.04 -3.63 8.34
N ARG A 23 -1.55 -2.68 7.58
CA ARG A 23 -2.11 -2.41 6.23
C ARG A 23 -1.38 -3.25 5.17
N PHE A 24 -2.04 -3.52 4.06
CA PHE A 24 -1.39 -4.33 2.98
C PHE A 24 -0.70 -3.42 1.97
N TYR A 25 0.62 -3.42 1.97
CA TYR A 25 1.39 -2.56 1.02
C TYR A 25 1.68 -3.34 -0.28
N TYR A 26 1.45 -2.73 -1.42
CA TYR A 26 1.73 -3.42 -2.72
C TYR A 26 3.23 -3.35 -3.03
N ASN A 27 3.92 -4.45 -2.97
CA ASN A 27 5.38 -4.44 -3.27
C ASN A 27 5.60 -4.37 -4.79
N SER A 28 6.41 -3.44 -5.24
CA SER A 28 6.65 -3.30 -6.71
C SER A 28 7.71 -4.30 -7.19
N VAL A 29 8.20 -5.18 -6.33
CA VAL A 29 9.23 -6.16 -6.77
C VAL A 29 8.57 -7.53 -6.99
N ILE A 30 7.89 -8.05 -6.00
CA ILE A 30 7.21 -9.37 -6.15
C ILE A 30 5.79 -9.18 -6.65
N GLY A 31 5.19 -8.04 -6.39
CA GLY A 31 3.80 -7.79 -6.86
C GLY A 31 2.79 -8.12 -5.76
N LYS A 32 3.09 -9.08 -4.92
CA LYS A 32 2.13 -9.46 -3.83
C LYS A 32 2.05 -8.34 -2.79
N CYS A 33 0.88 -8.13 -2.24
CA CYS A 33 0.71 -7.06 -1.21
C CYS A 33 1.22 -7.56 0.15
N ARG A 34 2.37 -7.10 0.56
CA ARG A 34 2.94 -7.54 1.86
C ARG A 34 2.41 -6.66 3.03
N PRO A 35 1.78 -7.27 4.03
CA PRO A 35 1.24 -6.46 5.16
C PRO A 35 2.37 -5.78 5.93
N PHE A 36 2.20 -4.53 6.28
CA PHE A 36 3.25 -3.80 7.05
C PHE A 36 2.60 -3.00 8.20
N LYS A 37 3.32 -2.80 9.27
CA LYS A 37 2.72 -2.04 10.42
C LYS A 37 2.60 -0.56 10.06
N TYR A 38 1.45 -0.15 9.59
CA TYR A 38 1.24 1.27 9.22
C TYR A 38 1.13 2.14 10.48
N SER A 39 1.77 3.27 10.48
CA SER A 39 1.72 4.18 11.67
C SER A 39 0.27 4.64 11.92
N GLY A 40 -0.38 5.17 10.91
CA GLY A 40 -1.79 5.63 11.09
C GLY A 40 -2.05 6.93 10.33
N CYS A 41 -2.40 7.97 11.05
CA CYS A 41 -2.70 9.28 10.40
C CYS A 41 -1.56 9.74 9.48
N GLY A 42 -1.90 10.40 8.40
CA GLY A 42 -0.87 10.91 7.44
C GLY A 42 -0.25 9.75 6.67
N GLY A 43 0.24 10.02 5.48
CA GLY A 43 0.86 8.94 4.66
C GLY A 43 0.33 9.01 3.22
N ASN A 44 0.70 8.06 2.39
CA ASN A 44 0.22 8.07 0.98
C ASN A 44 -1.21 7.54 0.91
N GLU A 45 -1.71 7.34 -0.29
CA GLU A 45 -3.11 6.84 -0.45
C GLU A 45 -3.08 5.38 -0.92
N ASN A 46 -2.11 4.62 -0.49
CA ASN A 46 -2.03 3.19 -0.91
C ASN A 46 -2.14 2.28 0.31
N ASN A 47 -2.83 2.72 1.33
CA ASN A 47 -2.99 1.88 2.56
C ASN A 47 -4.22 0.98 2.44
N PHE A 48 -4.02 -0.24 1.99
CA PHE A 48 -5.17 -1.18 1.84
C PHE A 48 -5.38 -1.96 3.14
N THR A 49 -6.59 -2.41 3.39
CA THR A 49 -6.86 -3.18 4.64
C THR A 49 -6.95 -4.68 4.32
N SER A 50 -7.27 -5.04 3.10
CA SER A 50 -7.37 -6.47 2.73
C SER A 50 -6.40 -6.80 1.60
N LYS A 51 -6.46 -8.00 1.08
CA LYS A 51 -5.54 -8.39 -0.04
C LYS A 51 -6.30 -8.46 -1.37
N GLN A 52 -7.56 -8.82 -1.33
CA GLN A 52 -8.35 -8.90 -2.59
C GLN A 52 -8.51 -7.49 -3.20
N GLU A 53 -8.51 -6.48 -2.37
CA GLU A 53 -8.66 -5.09 -2.89
C GLU A 53 -7.31 -4.59 -3.43
N CYS A 54 -6.24 -4.94 -2.77
CA CYS A 54 -4.89 -4.49 -3.24
C CYS A 54 -4.62 -5.00 -4.66
N LEU A 55 -4.88 -6.26 -4.88
CA LEU A 55 -4.64 -6.85 -6.24
C LEU A 55 -5.70 -6.34 -7.21
N ARG A 56 -6.94 -6.31 -6.81
CA ARG A 56 -8.02 -5.82 -7.71
C ARG A 56 -7.83 -4.34 -8.04
N ALA A 57 -6.98 -3.65 -7.31
CA ALA A 57 -6.77 -2.20 -7.58
C ALA A 57 -5.52 -1.98 -8.48
N CYS A 58 -4.35 -2.25 -7.97
CA CYS A 58 -3.11 -2.03 -8.79
C CYS A 58 -2.97 -3.10 -9.87
N LYS A 59 -3.43 -4.31 -9.63
CA LYS A 59 -3.33 -5.37 -10.68
C LYS A 59 -4.58 -5.35 -11.57
N LYS A 60 -5.74 -5.25 -10.96
CA LYS A 60 -7.02 -5.20 -11.75
C LYS A 60 -7.12 -6.41 -12.70
N GLY A 61 -7.63 -7.51 -12.21
CA GLY A 61 -7.76 -8.72 -13.08
C GLY A 61 -9.22 -9.16 -13.12
N GLU A 1 11.17 2.93 -16.33
CA GLU A 1 10.20 3.92 -16.91
C GLU A 1 8.78 3.58 -16.44
N PHE A 2 8.02 4.58 -16.07
CA PHE A 2 6.62 4.33 -15.61
C PHE A 2 5.71 5.51 -15.98
N HIS A 3 4.43 5.29 -16.03
CA HIS A 3 3.47 6.39 -16.38
C HIS A 3 2.05 6.02 -15.95
N GLY A 4 1.88 5.62 -14.72
CA GLY A 4 0.52 5.25 -14.22
C GLY A 4 0.15 6.15 -13.03
N PRO A 5 -0.74 5.69 -12.18
CA PRO A 5 -1.15 6.50 -11.00
C PRO A 5 0.07 6.79 -10.11
N SER A 6 0.06 7.92 -9.44
CA SER A 6 1.22 8.28 -8.56
C SER A 6 0.90 7.92 -7.11
N TRP A 7 0.21 6.84 -6.88
CA TRP A 7 -0.13 6.44 -5.48
C TRP A 7 -0.40 4.93 -5.40
N CYS A 8 0.15 4.17 -6.32
CA CYS A 8 -0.07 2.70 -6.29
C CYS A 8 1.28 1.99 -6.11
N LEU A 9 2.33 2.54 -6.66
CA LEU A 9 3.68 1.91 -6.52
C LEU A 9 4.50 2.63 -5.44
N THR A 10 3.90 3.50 -4.68
CA THR A 10 4.66 4.23 -3.61
C THR A 10 5.19 3.22 -2.57
N PRO A 11 6.31 3.52 -1.94
CA PRO A 11 6.88 2.58 -0.93
C PRO A 11 5.89 2.41 0.24
N ALA A 12 6.11 1.42 1.06
CA ALA A 12 5.19 1.18 2.22
C ALA A 12 5.25 2.38 3.18
N ASP A 13 4.32 3.28 3.08
CA ASP A 13 4.29 4.48 3.98
C ASP A 13 3.99 4.05 5.42
N ARG A 14 4.97 4.12 6.29
CA ARG A 14 4.75 3.73 7.71
C ARG A 14 5.72 4.47 8.63
N GLY A 15 5.52 5.75 8.83
CA GLY A 15 6.44 6.53 9.72
C GLY A 15 5.73 7.74 10.33
N LEU A 16 6.50 8.70 10.78
CA LEU A 16 5.93 9.95 11.40
C LEU A 16 5.09 9.65 12.67
N CYS A 17 5.12 8.44 13.17
CA CYS A 17 4.37 8.11 14.42
C CYS A 17 4.69 6.69 14.85
N ARG A 18 4.44 6.37 16.09
CA ARG A 18 4.75 4.99 16.60
C ARG A 18 3.49 4.14 16.66
N ALA A 19 2.76 4.02 15.57
CA ALA A 19 1.53 3.17 15.57
C ALA A 19 1.81 1.87 14.81
N ASN A 20 1.74 0.75 15.49
CA ASN A 20 2.03 -0.55 14.83
C ASN A 20 0.73 -1.15 14.25
N GLU A 21 0.27 -0.58 13.16
CA GLU A 21 -0.98 -1.09 12.51
C GLU A 21 -0.66 -2.33 11.67
N ASN A 22 -1.44 -2.60 10.64
CA ASN A 22 -1.18 -3.79 9.78
C ASN A 22 -1.88 -3.64 8.42
N ARG A 23 -1.44 -2.69 7.62
CA ARG A 23 -2.07 -2.49 6.28
C ARG A 23 -1.35 -3.32 5.21
N PHE A 24 -2.01 -3.62 4.12
CA PHE A 24 -1.37 -4.43 3.04
C PHE A 24 -0.68 -3.53 2.01
N TYR A 25 0.62 -3.54 1.97
CA TYR A 25 1.37 -2.70 0.98
C TYR A 25 1.61 -3.51 -0.31
N TYR A 26 1.23 -2.97 -1.44
CA TYR A 26 1.45 -3.69 -2.74
C TYR A 26 2.90 -3.55 -3.19
N ASN A 27 3.69 -4.60 -3.04
CA ASN A 27 5.11 -4.52 -3.47
C ASN A 27 5.19 -4.42 -5.00
N SER A 28 5.85 -3.40 -5.50
CA SER A 28 5.97 -3.24 -6.98
C SER A 28 6.98 -4.24 -7.56
N VAL A 29 7.84 -4.78 -6.74
CA VAL A 29 8.85 -5.77 -7.24
C VAL A 29 8.31 -7.19 -7.09
N ILE A 30 7.53 -7.42 -6.07
CA ILE A 30 6.98 -8.79 -5.83
C ILE A 30 5.64 -8.95 -6.54
N GLY A 31 4.78 -7.98 -6.38
CA GLY A 31 3.43 -8.06 -7.01
C GLY A 31 2.40 -8.43 -5.93
N LYS A 32 2.83 -9.10 -4.87
CA LYS A 32 1.88 -9.47 -3.79
C LYS A 32 1.82 -8.38 -2.73
N CYS A 33 0.76 -8.32 -1.97
CA CYS A 33 0.63 -7.26 -0.92
C CYS A 33 1.21 -7.74 0.42
N ARG A 34 2.31 -7.16 0.84
CA ARG A 34 2.92 -7.57 2.14
C ARG A 34 2.35 -6.71 3.29
N PRO A 35 1.74 -7.32 4.30
CA PRO A 35 1.19 -6.53 5.42
C PRO A 35 2.30 -5.77 6.14
N PHE A 36 2.17 -4.48 6.27
CA PHE A 36 3.22 -3.67 6.97
C PHE A 36 2.60 -2.91 8.15
N LYS A 37 3.39 -2.54 9.12
CA LYS A 37 2.85 -1.78 10.28
C LYS A 37 2.60 -0.32 9.90
N TYR A 38 1.47 -0.05 9.31
CA TYR A 38 1.15 1.36 8.90
C TYR A 38 1.16 2.28 10.12
N SER A 39 1.49 3.53 9.91
CA SER A 39 1.52 4.50 11.04
C SER A 39 0.19 5.27 11.09
N GLY A 40 0.03 6.16 12.04
CA GLY A 40 -1.25 6.93 12.15
C GLY A 40 -1.02 8.40 11.80
N CYS A 41 0.20 8.88 11.88
CA CYS A 41 0.45 10.32 11.56
C CYS A 41 1.00 10.45 10.14
N GLY A 42 0.30 11.14 9.29
CA GLY A 42 0.76 11.31 7.88
C GLY A 42 0.26 10.12 7.04
N GLY A 43 1.15 9.48 6.34
CA GLY A 43 0.74 8.31 5.50
C GLY A 43 0.21 8.81 4.15
N ASN A 44 0.36 8.01 3.13
CA ASN A 44 -0.12 8.42 1.78
C ASN A 44 -1.58 8.00 1.58
N GLU A 45 -1.99 7.81 0.35
CA GLU A 45 -3.40 7.40 0.08
C GLU A 45 -3.42 6.03 -0.61
N ASN A 46 -2.55 5.14 -0.21
CA ASN A 46 -2.51 3.79 -0.84
C ASN A 46 -2.55 2.71 0.24
N ASN A 47 -3.25 2.95 1.32
CA ASN A 47 -3.34 1.94 2.41
C ASN A 47 -4.48 0.96 2.13
N PHE A 48 -4.17 -0.25 1.72
CA PHE A 48 -5.24 -1.24 1.43
C PHE A 48 -5.61 -2.02 2.70
N THR A 49 -6.88 -2.23 2.93
CA THR A 49 -7.31 -2.97 4.15
C THR A 49 -7.57 -4.45 3.82
N SER A 50 -6.98 -4.94 2.76
CA SER A 50 -7.18 -6.37 2.38
C SER A 50 -6.18 -6.77 1.29
N LYS A 51 -6.24 -7.99 0.82
CA LYS A 51 -5.30 -8.43 -0.24
C LYS A 51 -6.02 -8.53 -1.59
N GLN A 52 -7.27 -8.94 -1.57
CA GLN A 52 -8.03 -9.05 -2.85
C GLN A 52 -8.33 -7.66 -3.42
N GLU A 53 -8.40 -6.66 -2.57
CA GLU A 53 -8.68 -5.29 -3.06
C GLU A 53 -7.38 -4.62 -3.54
N CYS A 54 -6.30 -4.78 -2.81
CA CYS A 54 -5.02 -4.14 -3.22
C CYS A 54 -4.57 -4.68 -4.59
N LEU A 55 -4.78 -5.94 -4.84
CA LEU A 55 -4.37 -6.54 -6.15
C LEU A 55 -5.39 -6.17 -7.23
N ARG A 56 -6.66 -6.26 -6.91
CA ARG A 56 -7.72 -5.92 -7.91
C ARG A 56 -7.69 -4.42 -8.23
N ALA A 57 -7.05 -3.62 -7.41
CA ALA A 57 -7.01 -2.15 -7.68
C ALA A 57 -5.70 -1.77 -8.40
N CYS A 58 -4.57 -2.13 -7.83
CA CYS A 58 -3.27 -1.78 -8.48
C CYS A 58 -2.97 -2.73 -9.63
N LYS A 59 -3.14 -4.01 -9.42
CA LYS A 59 -2.86 -5.00 -10.50
C LYS A 59 -3.98 -4.99 -11.55
N LYS A 60 -5.19 -4.67 -11.13
CA LYS A 60 -6.35 -4.65 -12.09
C LYS A 60 -6.44 -5.97 -12.85
N GLY A 61 -6.09 -7.05 -12.21
CA GLY A 61 -6.15 -8.39 -12.90
C GLY A 61 -6.60 -9.45 -11.89
N GLU A 1 2.91 1.89 -18.81
CA GLU A 1 3.22 0.95 -17.69
C GLU A 1 4.11 1.62 -16.65
N PHE A 2 5.28 2.05 -17.05
CA PHE A 2 6.21 2.73 -16.09
C PHE A 2 5.74 4.16 -15.82
N HIS A 3 5.00 4.75 -16.75
CA HIS A 3 4.52 6.14 -16.55
C HIS A 3 3.07 6.12 -16.03
N GLY A 4 2.69 5.09 -15.32
CA GLY A 4 1.31 4.99 -14.78
C GLY A 4 1.20 5.84 -13.50
N PRO A 5 0.28 5.48 -12.61
CA PRO A 5 0.13 6.25 -11.36
C PRO A 5 1.43 6.22 -10.54
N SER A 6 1.51 6.99 -9.49
CA SER A 6 2.76 7.02 -8.68
C SER A 6 2.49 6.61 -7.23
N TRP A 7 1.55 5.72 -7.01
CA TRP A 7 1.25 5.29 -5.60
C TRP A 7 1.07 3.76 -5.49
N CYS A 8 1.15 3.03 -6.59
CA CYS A 8 1.01 1.54 -6.52
C CYS A 8 2.33 0.91 -6.08
N LEU A 9 3.44 1.58 -6.30
CA LEU A 9 4.76 1.02 -5.90
C LEU A 9 5.53 2.01 -5.02
N THR A 10 4.85 2.95 -4.42
CA THR A 10 5.55 3.95 -3.56
C THR A 10 5.97 3.30 -2.21
N PRO A 11 7.04 3.76 -1.61
CA PRO A 11 7.48 3.18 -0.31
C PRO A 11 6.36 3.29 0.73
N ALA A 12 6.04 2.19 1.37
CA ALA A 12 4.96 2.20 2.40
C ALA A 12 5.23 3.26 3.49
N ASP A 13 4.25 4.06 3.80
CA ASP A 13 4.44 5.11 4.86
C ASP A 13 4.35 4.46 6.24
N ARG A 14 5.48 4.15 6.83
CA ARG A 14 5.48 3.52 8.18
C ARG A 14 6.34 4.32 9.15
N GLY A 15 5.89 5.48 9.55
CA GLY A 15 6.69 6.32 10.49
C GLY A 15 5.94 7.62 10.79
N LEU A 16 5.06 7.60 11.75
CA LEU A 16 4.29 8.83 12.10
C LEU A 16 3.72 8.71 13.52
N CYS A 17 3.17 7.58 13.85
CA CYS A 17 2.60 7.38 15.21
C CYS A 17 2.70 5.90 15.61
N ARG A 18 2.57 5.61 16.88
CA ARG A 18 2.67 4.19 17.34
C ARG A 18 1.36 3.44 17.06
N ALA A 19 1.01 3.29 15.81
CA ALA A 19 -0.26 2.57 15.45
C ALA A 19 0.08 1.20 14.85
N ASN A 20 -0.44 0.15 15.44
CA ASN A 20 -0.16 -1.23 14.92
C ASN A 20 -1.20 -1.62 13.87
N GLU A 21 -1.32 -0.86 12.82
CA GLU A 21 -2.31 -1.20 11.75
C GLU A 21 -1.67 -2.14 10.73
N ASN A 22 -2.36 -3.18 10.33
CA ASN A 22 -1.78 -4.13 9.34
C ASN A 22 -2.29 -3.80 7.94
N ARG A 23 -1.69 -2.84 7.29
CA ARG A 23 -2.13 -2.47 5.91
C ARG A 23 -1.35 -3.27 4.87
N PHE A 24 -1.98 -3.61 3.77
CA PHE A 24 -1.28 -4.40 2.71
C PHE A 24 -0.60 -3.47 1.70
N TYR A 25 0.70 -3.38 1.76
CA TYR A 25 1.45 -2.49 0.82
C TYR A 25 1.79 -3.28 -0.45
N TYR A 26 1.45 -2.74 -1.60
CA TYR A 26 1.78 -3.44 -2.88
C TYR A 26 3.28 -3.39 -3.14
N ASN A 27 3.93 -4.52 -3.12
CA ASN A 27 5.41 -4.56 -3.34
C ASN A 27 5.71 -4.72 -4.84
N SER A 28 6.48 -3.82 -5.40
CA SER A 28 6.82 -3.91 -6.85
C SER A 28 7.98 -4.91 -7.09
N VAL A 29 8.45 -5.58 -6.06
CA VAL A 29 9.57 -6.55 -6.25
C VAL A 29 9.01 -7.98 -6.30
N ILE A 30 8.21 -8.35 -5.33
CA ILE A 30 7.63 -9.73 -5.32
C ILE A 30 6.30 -9.75 -6.09
N GLY A 31 5.54 -8.68 -6.01
CA GLY A 31 4.25 -8.64 -6.76
C GLY A 31 3.05 -8.61 -5.80
N LYS A 32 3.06 -9.44 -4.80
CA LYS A 32 1.91 -9.47 -3.84
C LYS A 32 2.03 -8.33 -2.83
N CYS A 33 0.97 -8.06 -2.10
CA CYS A 33 1.01 -6.97 -1.08
C CYS A 33 1.52 -7.49 0.25
N ARG A 34 2.60 -6.93 0.75
CA ARG A 34 3.16 -7.40 2.05
C ARG A 34 2.52 -6.61 3.21
N PRO A 35 1.88 -7.28 4.17
CA PRO A 35 1.24 -6.55 5.29
C PRO A 35 2.29 -5.81 6.13
N PHE A 36 2.24 -4.50 6.13
CA PHE A 36 3.23 -3.71 6.93
C PHE A 36 2.51 -2.99 8.07
N LYS A 37 3.20 -2.69 9.14
CA LYS A 37 2.55 -1.99 10.29
C LYS A 37 2.32 -0.51 9.95
N TYR A 38 1.16 -0.19 9.45
CA TYR A 38 0.85 1.23 9.09
C TYR A 38 0.64 2.05 10.37
N SER A 39 0.85 3.34 10.30
CA SER A 39 0.66 4.20 11.50
C SER A 39 -0.75 4.81 11.48
N GLY A 40 -1.03 5.69 12.41
CA GLY A 40 -2.39 6.32 12.46
C GLY A 40 -2.25 7.84 12.65
N CYS A 41 -1.49 8.48 11.80
CA CYS A 41 -1.31 9.95 11.92
C CYS A 41 -1.04 10.58 10.55
N GLY A 42 -1.55 9.97 9.50
CA GLY A 42 -1.32 10.53 8.13
C GLY A 42 -0.64 9.48 7.26
N GLY A 43 0.14 9.91 6.30
CA GLY A 43 0.85 8.95 5.41
C GLY A 43 0.31 9.07 3.99
N ASN A 44 0.72 8.19 3.11
CA ASN A 44 0.23 8.23 1.70
C ASN A 44 -1.22 7.74 1.63
N GLU A 45 -1.73 7.55 0.44
CA GLU A 45 -3.14 7.07 0.28
C GLU A 45 -3.16 5.69 -0.37
N ASN A 46 -2.14 4.91 -0.19
CA ASN A 46 -2.10 3.55 -0.80
C ASN A 46 -2.20 2.47 0.28
N ASN A 47 -2.96 2.74 1.32
CA ASN A 47 -3.11 1.74 2.42
C ASN A 47 -4.31 0.83 2.15
N PHE A 48 -4.06 -0.39 1.71
CA PHE A 48 -5.17 -1.34 1.43
C PHE A 48 -5.57 -2.08 2.70
N THR A 49 -6.78 -1.87 3.16
CA THR A 49 -7.24 -2.56 4.41
C THR A 49 -7.28 -4.09 4.21
N SER A 50 -7.49 -4.53 3.01
CA SER A 50 -7.53 -6.01 2.75
C SER A 50 -6.55 -6.40 1.64
N LYS A 51 -6.50 -7.66 1.29
CA LYS A 51 -5.57 -8.11 0.22
C LYS A 51 -6.31 -8.26 -1.11
N GLN A 52 -7.50 -8.82 -1.07
CA GLN A 52 -8.29 -8.99 -2.33
C GLN A 52 -8.46 -7.64 -3.06
N GLU A 53 -8.56 -6.58 -2.30
CA GLU A 53 -8.71 -5.23 -2.91
C GLU A 53 -7.34 -4.71 -3.36
N CYS A 54 -6.29 -5.10 -2.67
CA CYS A 54 -4.92 -4.63 -3.05
C CYS A 54 -4.61 -5.03 -4.50
N LEU A 55 -4.85 -6.27 -4.83
CA LEU A 55 -4.58 -6.73 -6.23
C LEU A 55 -5.66 -6.19 -7.17
N ARG A 56 -6.90 -6.23 -6.75
CA ARG A 56 -8.01 -5.73 -7.61
C ARG A 56 -7.82 -4.22 -7.91
N ALA A 57 -6.97 -3.54 -7.17
CA ALA A 57 -6.76 -2.09 -7.42
C ALA A 57 -5.52 -1.83 -8.27
N CYS A 58 -4.34 -2.13 -7.75
CA CYS A 58 -3.09 -1.86 -8.53
C CYS A 58 -2.95 -2.80 -9.73
N LYS A 59 -3.41 -4.04 -9.62
CA LYS A 59 -3.28 -5.00 -10.76
C LYS A 59 -4.31 -4.69 -11.85
N LYS A 60 -5.56 -4.51 -11.48
CA LYS A 60 -6.63 -4.22 -12.50
C LYS A 60 -6.68 -5.35 -13.52
N GLY A 61 -7.32 -6.45 -13.18
CA GLY A 61 -7.42 -7.60 -14.12
C GLY A 61 -8.86 -7.77 -14.58
N GLU A 1 -1.95 -2.33 -19.00
CA GLU A 1 -1.78 -3.64 -18.31
C GLU A 1 -1.08 -3.45 -16.96
N PHE A 2 0.08 -2.84 -16.96
CA PHE A 2 0.82 -2.60 -15.69
C PHE A 2 0.33 -1.33 -15.02
N HIS A 3 -0.01 -0.33 -15.81
CA HIS A 3 -0.48 0.97 -15.23
C HIS A 3 0.56 1.52 -14.26
N GLY A 4 0.33 2.69 -13.72
CA GLY A 4 1.30 3.29 -12.76
C GLY A 4 0.80 4.67 -12.31
N PRO A 5 -0.33 4.70 -11.61
CA PRO A 5 -0.87 6.00 -11.13
C PRO A 5 0.14 6.66 -10.18
N SER A 6 -0.33 7.52 -9.30
CA SER A 6 0.61 8.19 -8.36
C SER A 6 0.24 7.89 -6.90
N TRP A 7 -0.34 6.74 -6.66
CA TRP A 7 -0.70 6.38 -5.25
C TRP A 7 -0.66 4.86 -5.02
N CYS A 8 -0.02 4.12 -5.90
CA CYS A 8 0.08 2.64 -5.68
C CYS A 8 1.54 2.26 -5.46
N LEU A 9 2.41 2.77 -6.28
CA LEU A 9 3.87 2.48 -6.12
C LEU A 9 4.45 3.26 -4.92
N THR A 10 3.72 4.22 -4.40
CA THR A 10 4.24 5.01 -3.23
C THR A 10 4.61 4.05 -2.07
N PRO A 11 5.59 4.42 -1.25
CA PRO A 11 5.98 3.54 -0.12
C PRO A 11 4.83 3.36 0.87
N ALA A 12 4.99 2.50 1.84
CA ALA A 12 3.91 2.28 2.84
C ALA A 12 4.05 3.26 4.00
N ASP A 13 3.12 4.17 4.14
CA ASP A 13 3.20 5.16 5.26
C ASP A 13 2.92 4.48 6.59
N ARG A 14 3.91 4.35 7.44
CA ARG A 14 3.71 3.68 8.76
C ARG A 14 4.32 4.53 9.88
N GLY A 15 4.05 5.81 9.89
CA GLY A 15 4.61 6.69 10.95
C GLY A 15 3.48 7.51 11.58
N LEU A 16 3.65 8.82 11.62
CA LEU A 16 2.59 9.71 12.21
C LEU A 16 2.28 9.31 13.66
N CYS A 17 1.38 8.37 13.86
CA CYS A 17 1.03 7.95 15.26
C CYS A 17 1.39 6.47 15.46
N ARG A 18 0.82 5.85 16.46
CA ARG A 18 1.12 4.40 16.72
C ARG A 18 0.73 3.57 15.48
N ALA A 19 1.70 3.16 14.71
CA ALA A 19 1.40 2.37 13.48
C ALA A 19 1.24 0.89 13.79
N ASN A 20 0.36 0.57 14.68
CA ASN A 20 0.13 -0.87 15.03
C ASN A 20 -0.99 -1.46 14.17
N GLU A 21 -1.22 -0.92 13.00
CA GLU A 21 -2.29 -1.45 12.11
C GLU A 21 -1.71 -2.58 11.25
N ASN A 22 -2.37 -2.92 10.17
CA ASN A 22 -1.85 -4.02 9.29
C ASN A 22 -2.40 -3.87 7.87
N ARG A 23 -1.96 -2.87 7.15
CA ARG A 23 -2.45 -2.67 5.76
C ARG A 23 -1.58 -3.45 4.77
N PHE A 24 -2.11 -3.79 3.62
CA PHE A 24 -1.31 -4.57 2.61
C PHE A 24 -0.57 -3.62 1.67
N TYR A 25 0.73 -3.67 1.68
CA TYR A 25 1.54 -2.79 0.79
C TYR A 25 1.82 -3.49 -0.55
N TYR A 26 1.47 -2.87 -1.65
CA TYR A 26 1.74 -3.50 -2.97
C TYR A 26 3.22 -3.34 -3.34
N ASN A 27 3.97 -4.41 -3.28
CA ASN A 27 5.43 -4.32 -3.62
C ASN A 27 5.58 -4.19 -5.14
N SER A 28 6.20 -3.13 -5.59
CA SER A 28 6.38 -2.93 -7.05
C SER A 28 7.51 -3.82 -7.60
N VAL A 29 8.16 -4.59 -6.77
CA VAL A 29 9.26 -5.48 -7.25
C VAL A 29 8.73 -6.90 -7.46
N ILE A 30 8.17 -7.48 -6.43
CA ILE A 30 7.64 -8.87 -6.56
C ILE A 30 6.16 -8.84 -6.98
N GLY A 31 5.39 -7.92 -6.46
CA GLY A 31 3.95 -7.83 -6.82
C GLY A 31 3.12 -8.29 -5.63
N LYS A 32 3.59 -9.27 -4.92
CA LYS A 32 2.86 -9.78 -3.72
C LYS A 32 2.66 -8.62 -2.71
N CYS A 33 1.44 -8.43 -2.27
CA CYS A 33 1.17 -7.32 -1.29
C CYS A 33 1.64 -7.74 0.11
N ARG A 34 2.66 -7.08 0.61
CA ARG A 34 3.19 -7.44 1.96
C ARG A 34 2.47 -6.62 3.07
N PRO A 35 1.80 -7.29 4.01
CA PRO A 35 1.10 -6.54 5.08
C PRO A 35 2.10 -5.76 5.94
N PHE A 36 1.93 -4.47 6.05
CA PHE A 36 2.87 -3.66 6.87
C PHE A 36 2.10 -2.93 7.98
N LYS A 37 2.75 -2.67 9.09
CA LYS A 37 2.05 -1.97 10.21
C LYS A 37 1.77 -0.52 9.81
N TYR A 38 0.60 -0.26 9.28
CA TYR A 38 0.25 1.13 8.85
C TYR A 38 0.10 2.05 10.07
N SER A 39 0.19 3.33 9.84
CA SER A 39 0.04 4.32 10.97
C SER A 39 -1.36 4.22 11.57
N GLY A 40 -1.69 5.12 12.46
CA GLY A 40 -3.04 5.08 13.09
C GLY A 40 -3.60 6.50 13.18
N CYS A 41 -3.43 7.29 12.15
CA CYS A 41 -3.94 8.69 12.18
C CYS A 41 -4.42 9.11 10.77
N GLY A 42 -3.51 9.34 9.86
CA GLY A 42 -3.91 9.75 8.49
C GLY A 42 -2.67 9.94 7.62
N GLY A 43 -2.03 8.88 7.23
CA GLY A 43 -0.80 8.99 6.37
C GLY A 43 -1.22 9.26 4.93
N ASN A 44 -0.87 8.36 4.03
CA ASN A 44 -1.24 8.55 2.59
C ASN A 44 -2.71 8.18 2.37
N GLU A 45 -3.07 7.91 1.14
CA GLU A 45 -4.49 7.54 0.84
C GLU A 45 -4.53 6.28 -0.03
N ASN A 46 -3.61 5.38 0.17
CA ASN A 46 -3.59 4.13 -0.65
C ASN A 46 -3.33 2.90 0.25
N ASN A 47 -3.91 2.89 1.42
CA ASN A 47 -3.72 1.74 2.34
C ASN A 47 -4.80 0.67 2.10
N PHE A 48 -4.39 -0.52 1.74
CA PHE A 48 -5.39 -1.60 1.48
C PHE A 48 -5.69 -2.37 2.77
N THR A 49 -6.87 -2.22 3.30
CA THR A 49 -7.24 -2.94 4.56
C THR A 49 -7.12 -4.45 4.37
N SER A 50 -7.43 -4.94 3.20
CA SER A 50 -7.34 -6.40 2.94
C SER A 50 -6.50 -6.67 1.69
N LYS A 51 -6.23 -7.93 1.40
CA LYS A 51 -5.42 -8.27 0.20
C LYS A 51 -6.29 -8.22 -1.06
N GLN A 52 -7.55 -8.57 -0.94
CA GLN A 52 -8.46 -8.53 -2.13
C GLN A 52 -8.50 -7.12 -2.73
N GLU A 53 -8.28 -6.12 -1.91
CA GLU A 53 -8.29 -4.71 -2.42
C GLU A 53 -6.94 -4.36 -3.02
N CYS A 54 -5.87 -4.84 -2.44
CA CYS A 54 -4.51 -4.54 -3.00
C CYS A 54 -4.40 -5.07 -4.43
N LEU A 55 -4.90 -6.26 -4.66
CA LEU A 55 -4.84 -6.85 -6.02
C LEU A 55 -5.85 -6.15 -6.95
N ARG A 56 -7.10 -6.16 -6.59
CA ARG A 56 -8.14 -5.50 -7.44
C ARG A 56 -7.80 -4.01 -7.66
N ALA A 57 -6.96 -3.45 -6.82
CA ALA A 57 -6.60 -2.01 -6.98
C ALA A 57 -5.52 -1.82 -8.06
N CYS A 58 -4.35 -2.36 -7.82
CA CYS A 58 -3.25 -2.19 -8.83
C CYS A 58 -3.23 -3.33 -9.86
N LYS A 59 -3.35 -4.56 -9.41
CA LYS A 59 -3.33 -5.71 -10.38
C LYS A 59 -4.54 -5.63 -11.32
N LYS A 60 -5.72 -5.53 -10.76
CA LYS A 60 -6.94 -5.44 -11.62
C LYS A 60 -7.40 -3.98 -11.74
N GLY A 61 -6.47 -3.06 -11.64
CA GLY A 61 -6.83 -1.61 -11.74
C GLY A 61 -7.07 -1.24 -13.21
N GLU A 1 2.98 9.86 -12.89
CA GLU A 1 4.21 10.28 -13.64
C GLU A 1 5.22 9.13 -13.66
N PHE A 2 6.22 9.22 -14.52
CA PHE A 2 7.26 8.15 -14.61
C PHE A 2 6.60 6.78 -14.83
N HIS A 3 6.57 6.31 -16.06
CA HIS A 3 5.94 4.97 -16.36
C HIS A 3 4.51 4.92 -15.79
N GLY A 4 3.63 5.72 -16.32
CA GLY A 4 2.22 5.72 -15.83
C GLY A 4 2.12 6.56 -14.54
N PRO A 5 1.10 6.32 -13.72
CA PRO A 5 0.95 7.10 -12.48
C PRO A 5 2.15 6.88 -11.56
N SER A 6 2.04 7.23 -10.31
CA SER A 6 3.18 7.05 -9.36
C SER A 6 2.68 6.92 -7.92
N TRP A 7 1.57 6.25 -7.73
CA TRP A 7 1.03 6.09 -6.35
C TRP A 7 1.03 4.60 -5.97
N CYS A 8 0.94 3.72 -6.93
CA CYS A 8 0.95 2.25 -6.63
C CYS A 8 2.41 1.77 -6.50
N LEU A 9 3.34 2.45 -7.13
CA LEU A 9 4.77 2.06 -7.05
C LEU A 9 5.47 2.75 -5.87
N THR A 10 4.75 3.48 -5.05
CA THR A 10 5.40 4.18 -3.89
C THR A 10 5.67 3.20 -2.74
N PRO A 11 6.70 3.45 -1.93
CA PRO A 11 7.01 2.54 -0.80
C PRO A 11 5.85 2.53 0.21
N ALA A 12 6.04 1.88 1.33
CA ALA A 12 4.96 1.83 2.37
C ALA A 12 5.10 3.00 3.33
N ASP A 13 4.08 3.83 3.44
CA ASP A 13 4.15 4.99 4.36
C ASP A 13 4.02 4.53 5.82
N ARG A 14 5.00 4.80 6.62
CA ARG A 14 4.96 4.38 8.06
C ARG A 14 5.55 5.48 8.94
N GLY A 15 4.90 6.63 9.04
CA GLY A 15 5.46 7.73 9.88
C GLY A 15 4.34 8.52 10.58
N LEU A 16 3.41 9.06 9.84
CA LEU A 16 2.31 9.86 10.47
C LEU A 16 1.64 9.07 11.60
N CYS A 17 1.41 9.71 12.72
CA CYS A 17 0.77 9.03 13.90
C CYS A 17 1.56 7.77 14.27
N ARG A 18 1.14 7.05 15.28
CA ARG A 18 1.89 5.83 15.70
C ARG A 18 0.94 4.76 16.23
N ALA A 19 1.07 3.55 15.73
CA ALA A 19 0.19 2.43 16.19
C ALA A 19 0.65 1.12 15.54
N ASN A 20 0.47 0.01 16.22
CA ASN A 20 0.90 -1.29 15.64
C ASN A 20 -0.22 -1.92 14.81
N GLU A 21 -0.63 -1.26 13.75
CA GLU A 21 -1.71 -1.82 12.88
C GLU A 21 -1.09 -2.69 11.79
N ASN A 22 -1.77 -2.94 10.70
CA ASN A 22 -1.18 -3.79 9.62
C ASN A 22 -1.91 -3.57 8.28
N ARG A 23 -1.46 -2.61 7.51
CA ARG A 23 -2.11 -2.34 6.18
C ARG A 23 -1.42 -3.17 5.08
N PHE A 24 -2.10 -3.44 4.01
CA PHE A 24 -1.49 -4.24 2.91
C PHE A 24 -0.79 -3.35 1.87
N TYR A 25 0.52 -3.35 1.87
CA TYR A 25 1.28 -2.51 0.88
C TYR A 25 1.57 -3.36 -0.38
N TYR A 26 1.49 -2.76 -1.54
CA TYR A 26 1.77 -3.51 -2.80
C TYR A 26 3.27 -3.50 -3.11
N ASN A 27 3.92 -4.63 -2.98
CA ASN A 27 5.38 -4.70 -3.26
C ASN A 27 5.65 -4.61 -4.77
N SER A 28 6.35 -3.59 -5.19
CA SER A 28 6.64 -3.43 -6.66
C SER A 28 7.82 -4.33 -7.08
N VAL A 29 8.38 -5.10 -6.18
CA VAL A 29 9.52 -5.98 -6.54
C VAL A 29 9.01 -7.41 -6.75
N ILE A 30 8.38 -7.97 -5.75
CA ILE A 30 7.85 -9.36 -5.87
C ILE A 30 6.42 -9.34 -6.41
N GLY A 31 5.70 -8.26 -6.17
CA GLY A 31 4.30 -8.16 -6.69
C GLY A 31 3.30 -8.52 -5.59
N LYS A 32 3.67 -9.41 -4.69
CA LYS A 32 2.73 -9.82 -3.60
C LYS A 32 2.51 -8.64 -2.64
N CYS A 33 1.29 -8.44 -2.19
CA CYS A 33 1.00 -7.34 -1.24
C CYS A 33 1.42 -7.74 0.18
N ARG A 34 2.49 -7.17 0.68
CA ARG A 34 2.97 -7.53 2.04
C ARG A 34 2.33 -6.61 3.11
N PRO A 35 1.69 -7.17 4.14
CA PRO A 35 1.06 -6.33 5.18
C PRO A 35 2.14 -5.58 6.00
N PHE A 36 2.13 -4.27 5.95
CA PHE A 36 3.14 -3.48 6.73
C PHE A 36 2.46 -2.85 7.96
N LYS A 37 3.16 -2.75 9.05
CA LYS A 37 2.54 -2.14 10.27
C LYS A 37 2.13 -0.69 10.01
N TYR A 38 0.85 -0.44 9.97
CA TYR A 38 0.36 0.96 9.72
C TYR A 38 0.57 1.83 10.96
N SER A 39 0.92 3.07 10.77
CA SER A 39 1.15 3.98 11.92
C SER A 39 -0.18 4.36 12.57
N GLY A 40 -1.24 4.41 11.82
CA GLY A 40 -2.57 4.77 12.41
C GLY A 40 -3.32 5.72 11.48
N CYS A 41 -2.93 6.97 11.47
CA CYS A 41 -3.61 7.97 10.59
C CYS A 41 -3.38 7.60 9.12
N GLY A 42 -2.17 7.75 8.64
CA GLY A 42 -1.89 7.40 7.21
C GLY A 42 -0.95 8.44 6.60
N GLY A 43 -0.48 8.18 5.41
CA GLY A 43 0.44 9.15 4.73
C GLY A 43 0.13 9.16 3.24
N ASN A 44 0.36 8.07 2.56
CA ASN A 44 0.08 8.01 1.09
C ASN A 44 -1.38 7.63 0.86
N GLU A 45 -1.81 7.63 -0.38
CA GLU A 45 -3.23 7.27 -0.68
C GLU A 45 -3.31 5.88 -1.30
N ASN A 46 -2.46 4.98 -0.88
CA ASN A 46 -2.48 3.60 -1.44
C ASN A 46 -2.46 2.57 -0.31
N ASN A 47 -3.10 2.87 0.79
CA ASN A 47 -3.13 1.91 1.93
C ASN A 47 -4.32 0.95 1.80
N PHE A 48 -4.07 -0.26 1.39
CA PHE A 48 -5.17 -1.25 1.23
C PHE A 48 -5.45 -1.94 2.57
N THR A 49 -6.61 -2.50 2.71
CA THR A 49 -6.98 -3.19 3.98
C THR A 49 -7.00 -4.71 3.80
N SER A 50 -7.13 -5.17 2.57
CA SER A 50 -7.17 -6.65 2.32
C SER A 50 -6.37 -7.00 1.06
N LYS A 51 -6.24 -8.27 0.77
CA LYS A 51 -5.48 -8.69 -0.43
C LYS A 51 -6.34 -8.55 -1.68
N GLN A 52 -7.60 -8.89 -1.58
CA GLN A 52 -8.51 -8.78 -2.76
C GLN A 52 -8.59 -7.33 -3.24
N GLU A 53 -8.44 -6.38 -2.35
CA GLU A 53 -8.50 -4.95 -2.76
C GLU A 53 -7.14 -4.49 -3.27
N CYS A 54 -6.08 -4.93 -2.63
CA CYS A 54 -4.70 -4.53 -3.09
C CYS A 54 -4.47 -5.04 -4.52
N LEU A 55 -4.99 -6.18 -4.84
CA LEU A 55 -4.80 -6.75 -6.20
C LEU A 55 -5.81 -6.15 -7.19
N ARG A 56 -7.08 -6.25 -6.87
CA ARG A 56 -8.12 -5.70 -7.79
C ARG A 56 -7.95 -4.19 -8.00
N ALA A 57 -7.20 -3.53 -7.15
CA ALA A 57 -6.99 -2.05 -7.32
C ALA A 57 -5.70 -1.76 -8.08
N CYS A 58 -4.57 -2.25 -7.61
CA CYS A 58 -3.29 -1.98 -8.32
C CYS A 58 -3.15 -2.86 -9.55
N LYS A 59 -3.35 -4.16 -9.43
CA LYS A 59 -3.22 -5.05 -10.62
C LYS A 59 -4.22 -4.64 -11.71
N LYS A 60 -5.36 -4.12 -11.32
CA LYS A 60 -6.39 -3.68 -12.32
C LYS A 60 -6.68 -4.80 -13.34
N GLY A 61 -7.36 -5.84 -12.92
CA GLY A 61 -7.67 -6.96 -13.87
C GLY A 61 -7.27 -8.28 -13.22
N GLU A 1 9.71 1.24 -15.84
CA GLU A 1 9.61 1.80 -14.45
C GLU A 1 8.36 2.66 -14.32
N PHE A 2 8.35 3.82 -14.94
CA PHE A 2 7.17 4.73 -14.84
C PHE A 2 6.25 4.51 -16.04
N HIS A 3 5.24 3.70 -15.89
CA HIS A 3 4.29 3.46 -17.03
C HIS A 3 2.85 3.69 -16.57
N GLY A 4 2.43 3.00 -15.54
CA GLY A 4 1.04 3.17 -15.04
C GLY A 4 1.00 4.30 -13.99
N PRO A 5 0.05 4.26 -13.07
CA PRO A 5 -0.04 5.32 -12.04
C PRO A 5 1.24 5.35 -11.20
N SER A 6 1.28 6.17 -10.17
CA SER A 6 2.49 6.25 -9.32
C SER A 6 2.11 6.29 -7.84
N TRP A 7 0.99 5.70 -7.49
CA TRP A 7 0.56 5.69 -6.07
C TRP A 7 0.65 4.27 -5.49
N CYS A 8 0.56 3.27 -6.33
CA CYS A 8 0.64 1.86 -5.84
C CYS A 8 2.11 1.42 -5.76
N LEU A 9 2.98 2.07 -6.49
CA LEU A 9 4.43 1.69 -6.46
C LEU A 9 5.14 2.36 -5.27
N THR A 10 4.56 3.40 -4.71
CA THR A 10 5.21 4.10 -3.56
C THR A 10 5.51 3.10 -2.42
N PRO A 11 6.59 3.32 -1.67
CA PRO A 11 6.92 2.39 -0.56
C PRO A 11 5.83 2.40 0.51
N ALA A 12 5.89 1.51 1.45
CA ALA A 12 4.86 1.46 2.52
C ALA A 12 5.03 2.66 3.47
N ASP A 13 4.16 3.62 3.38
CA ASP A 13 4.28 4.82 4.26
C ASP A 13 3.78 4.50 5.66
N ARG A 14 4.65 4.55 6.64
CA ARG A 14 4.23 4.24 8.04
C ARG A 14 3.19 5.26 8.52
N GLY A 15 3.47 6.52 8.34
CA GLY A 15 2.49 7.57 8.78
C GLY A 15 3.15 8.49 9.81
N LEU A 16 2.45 8.81 10.87
CA LEU A 16 3.02 9.71 11.92
C LEU A 16 2.64 9.20 13.31
N CYS A 17 1.41 8.84 13.50
CA CYS A 17 0.97 8.34 14.85
C CYS A 17 1.75 7.08 15.23
N ARG A 18 1.65 6.65 16.46
CA ARG A 18 2.38 5.44 16.91
C ARG A 18 1.42 4.26 17.03
N ALA A 19 1.35 3.43 16.03
CA ALA A 19 0.42 2.25 16.08
C ALA A 19 0.86 1.18 15.08
N ASN A 20 1.02 -0.04 15.52
CA ASN A 20 1.45 -1.12 14.59
C ASN A 20 0.23 -1.80 13.98
N GLU A 21 -0.34 -1.19 12.96
CA GLU A 21 -1.54 -1.78 12.30
C GLU A 21 -1.12 -2.89 11.33
N ASN A 22 -1.99 -3.27 10.42
CA ASN A 22 -1.63 -4.34 9.44
C ASN A 22 -2.19 -4.00 8.05
N ARG A 23 -1.63 -3.01 7.41
CA ARG A 23 -2.13 -2.63 6.05
C ARG A 23 -1.37 -3.42 4.97
N PHE A 24 -2.02 -3.72 3.88
CA PHE A 24 -1.35 -4.50 2.79
C PHE A 24 -0.68 -3.55 1.80
N TYR A 25 0.62 -3.43 1.85
CA TYR A 25 1.35 -2.54 0.91
C TYR A 25 1.74 -3.34 -0.35
N TYR A 26 1.52 -2.78 -1.51
CA TYR A 26 1.88 -3.50 -2.77
C TYR A 26 3.40 -3.41 -2.99
N ASN A 27 4.11 -4.49 -2.79
CA ASN A 27 5.59 -4.46 -2.98
C ASN A 27 5.93 -4.58 -4.47
N SER A 28 6.62 -3.59 -5.00
CA SER A 28 7.00 -3.63 -6.45
C SER A 28 8.27 -4.48 -6.66
N VAL A 29 8.80 -5.08 -5.62
CA VAL A 29 10.02 -5.92 -5.77
C VAL A 29 9.60 -7.38 -5.91
N ILE A 30 8.89 -7.89 -4.92
CA ILE A 30 8.44 -9.31 -4.99
C ILE A 30 7.16 -9.41 -5.84
N GLY A 31 6.31 -8.42 -5.77
CA GLY A 31 5.07 -8.45 -6.60
C GLY A 31 3.80 -8.54 -5.74
N LYS A 32 3.81 -9.33 -4.69
CA LYS A 32 2.58 -9.48 -3.85
C LYS A 32 2.44 -8.33 -2.85
N CYS A 33 1.31 -8.25 -2.18
CA CYS A 33 1.09 -7.17 -1.17
C CYS A 33 1.64 -7.59 0.19
N ARG A 34 2.74 -7.02 0.60
CA ARG A 34 3.34 -7.38 1.92
C ARG A 34 2.64 -6.59 3.05
N PRO A 35 1.96 -7.28 3.97
CA PRO A 35 1.27 -6.57 5.07
C PRO A 35 2.27 -5.80 5.94
N PHE A 36 2.13 -4.50 6.02
CA PHE A 36 3.08 -3.69 6.86
C PHE A 36 2.33 -3.08 8.05
N LYS A 37 2.97 -2.23 8.80
CA LYS A 37 2.29 -1.61 9.98
C LYS A 37 1.97 -0.14 9.71
N TYR A 38 0.72 0.16 9.48
CA TYR A 38 0.33 1.59 9.21
C TYR A 38 0.04 2.29 10.53
N SER A 39 0.07 3.61 10.52
CA SER A 39 -0.21 4.37 11.78
C SER A 39 -1.66 4.84 11.82
N GLY A 40 -2.19 5.28 10.71
CA GLY A 40 -3.61 5.76 10.68
C GLY A 40 -3.64 7.29 10.78
N CYS A 41 -2.61 7.94 10.31
CA CYS A 41 -2.57 9.43 10.36
C CYS A 41 -1.84 9.98 9.14
N GLY A 42 -2.57 10.49 8.18
CA GLY A 42 -1.92 11.04 6.95
C GLY A 42 -1.47 9.88 6.06
N GLY A 43 -0.19 9.62 5.99
CA GLY A 43 0.31 8.50 5.14
C GLY A 43 -0.08 8.74 3.68
N ASN A 44 0.21 7.80 2.82
CA ASN A 44 -0.13 7.95 1.38
C ASN A 44 -1.59 7.54 1.14
N GLU A 45 -2.01 7.53 -0.10
CA GLU A 45 -3.42 7.13 -0.41
C GLU A 45 -3.45 5.71 -0.97
N ASN A 46 -2.54 4.87 -0.54
CA ASN A 46 -2.51 3.46 -1.04
C ASN A 46 -2.59 2.48 0.14
N ASN A 47 -3.31 2.83 1.17
CA ASN A 47 -3.45 1.94 2.36
C ASN A 47 -4.59 0.94 2.13
N PHE A 48 -4.27 -0.27 1.75
CA PHE A 48 -5.34 -1.29 1.51
C PHE A 48 -5.73 -1.96 2.83
N THR A 49 -7.00 -2.25 3.00
CA THR A 49 -7.46 -2.91 4.26
C THR A 49 -7.25 -4.42 4.18
N SER A 50 -7.30 -4.98 2.99
CA SER A 50 -7.10 -6.44 2.83
C SER A 50 -6.30 -6.73 1.56
N LYS A 51 -6.30 -7.96 1.10
CA LYS A 51 -5.54 -8.30 -0.14
C LYS A 51 -6.48 -8.32 -1.34
N GLN A 52 -7.74 -8.60 -1.12
CA GLN A 52 -8.71 -8.63 -2.27
C GLN A 52 -8.74 -7.28 -2.97
N GLU A 53 -8.62 -6.21 -2.23
CA GLU A 53 -8.63 -4.85 -2.84
C GLU A 53 -7.22 -4.48 -3.29
N CYS A 54 -6.21 -5.00 -2.65
CA CYS A 54 -4.80 -4.67 -3.05
C CYS A 54 -4.56 -5.14 -4.49
N LEU A 55 -5.15 -6.24 -4.87
CA LEU A 55 -4.96 -6.77 -6.25
C LEU A 55 -6.03 -6.19 -7.19
N ARG A 56 -7.24 -6.02 -6.71
CA ARG A 56 -8.32 -5.45 -7.57
C ARG A 56 -7.99 -4.01 -7.96
N ALA A 57 -7.16 -3.35 -7.20
CA ALA A 57 -6.80 -1.93 -7.53
C ALA A 57 -5.46 -1.86 -8.26
N CYS A 58 -4.45 -2.54 -7.76
CA CYS A 58 -3.12 -2.50 -8.43
C CYS A 58 -3.06 -3.51 -9.58
N LYS A 59 -3.42 -4.74 -9.32
CA LYS A 59 -3.38 -5.79 -10.39
C LYS A 59 -4.61 -5.65 -11.32
N LYS A 60 -5.71 -5.15 -10.82
CA LYS A 60 -6.95 -5.00 -11.66
C LYS A 60 -7.29 -6.30 -12.38
N GLY A 61 -7.18 -7.42 -11.69
CA GLY A 61 -7.51 -8.73 -12.33
C GLY A 61 -6.26 -9.28 -13.03
N GLU A 1 4.11 0.58 -18.19
CA GLU A 1 3.56 1.96 -18.27
C GLU A 1 3.59 2.63 -16.90
N PHE A 2 3.90 3.89 -16.85
CA PHE A 2 3.95 4.61 -15.54
C PHE A 2 3.40 6.04 -15.70
N HIS A 3 2.41 6.19 -16.53
CA HIS A 3 1.81 7.55 -16.74
C HIS A 3 0.40 7.60 -16.12
N GLY A 4 0.15 6.79 -15.13
CA GLY A 4 -1.20 6.79 -14.48
C GLY A 4 -1.12 7.57 -13.15
N PRO A 5 -1.93 7.21 -12.18
CA PRO A 5 -1.90 7.92 -10.87
C PRO A 5 -0.51 7.80 -10.25
N SER A 6 -0.38 8.20 -9.00
CA SER A 6 0.95 8.12 -8.33
C SER A 6 0.81 7.47 -6.95
N TRP A 7 0.05 6.41 -6.84
CA TRP A 7 -0.13 5.75 -5.51
C TRP A 7 -0.30 4.23 -5.65
N CYS A 8 0.00 3.67 -6.80
CA CYS A 8 -0.15 2.19 -6.96
C CYS A 8 1.17 1.50 -6.59
N LEU A 9 2.27 2.00 -7.10
CA LEU A 9 3.58 1.38 -6.77
C LEU A 9 4.37 2.28 -5.80
N THR A 10 3.69 3.15 -5.10
CA THR A 10 4.38 4.07 -4.13
C THR A 10 4.91 3.26 -2.94
N PRO A 11 6.00 3.71 -2.31
CA PRO A 11 6.55 2.97 -1.16
C PRO A 11 5.51 2.82 -0.04
N ALA A 12 5.63 1.80 0.77
CA ALA A 12 4.65 1.59 1.88
C ALA A 12 4.63 2.80 2.81
N ASP A 13 3.61 3.63 2.71
CA ASP A 13 3.52 4.84 3.59
C ASP A 13 3.36 4.41 5.06
N ARG A 14 4.34 4.69 5.87
CA ARG A 14 4.25 4.31 7.31
C ARG A 14 3.38 5.32 8.09
N GLY A 15 3.35 6.55 7.64
CA GLY A 15 2.53 7.58 8.35
C GLY A 15 3.42 8.35 9.31
N LEU A 16 2.84 9.10 10.21
CA LEU A 16 3.66 9.90 11.18
C LEU A 16 2.97 9.95 12.55
N CYS A 17 2.92 8.84 13.25
CA CYS A 17 2.27 8.83 14.59
C CYS A 17 2.82 7.66 15.42
N ARG A 18 2.08 7.22 16.41
CA ARG A 18 2.56 6.09 17.25
C ARG A 18 1.50 4.99 17.33
N ALA A 19 1.65 3.94 16.56
CA ALA A 19 0.65 2.82 16.59
C ALA A 19 1.13 1.67 15.68
N ASN A 20 1.14 0.46 16.20
CA ASN A 20 1.60 -0.70 15.38
C ASN A 20 0.41 -1.32 14.64
N GLU A 21 0.00 -0.73 13.53
CA GLU A 21 -1.14 -1.29 12.76
C GLU A 21 -0.67 -2.41 11.83
N ASN A 22 -1.48 -2.80 10.89
CA ASN A 22 -1.09 -3.89 9.94
C ASN A 22 -1.83 -3.73 8.61
N ARG A 23 -1.45 -2.76 7.82
CA ARG A 23 -2.13 -2.55 6.51
C ARG A 23 -1.41 -3.34 5.41
N PHE A 24 -2.07 -3.58 4.29
CA PHE A 24 -1.44 -4.36 3.19
C PHE A 24 -0.71 -3.44 2.19
N TYR A 25 0.60 -3.52 2.13
CA TYR A 25 1.38 -2.68 1.17
C TYR A 25 1.56 -3.44 -0.15
N TYR A 26 1.55 -2.74 -1.26
CA TYR A 26 1.76 -3.40 -2.58
C TYR A 26 3.24 -3.31 -3.00
N ASN A 27 3.91 -4.43 -3.11
CA ASN A 27 5.35 -4.40 -3.50
C ASN A 27 5.48 -4.36 -5.02
N SER A 28 6.22 -3.40 -5.54
CA SER A 28 6.38 -3.30 -7.03
C SER A 28 7.44 -4.29 -7.54
N VAL A 29 8.00 -5.11 -6.69
CA VAL A 29 9.03 -6.09 -7.16
C VAL A 29 8.39 -7.48 -7.27
N ILE A 30 7.85 -7.99 -6.20
CA ILE A 30 7.21 -9.34 -6.24
C ILE A 30 5.75 -9.21 -6.69
N GLY A 31 5.13 -8.09 -6.43
CA GLY A 31 3.72 -7.89 -6.84
C GLY A 31 2.77 -8.25 -5.69
N LYS A 32 3.12 -9.24 -4.90
CA LYS A 32 2.23 -9.64 -3.77
C LYS A 32 2.09 -8.48 -2.77
N CYS A 33 0.96 -8.38 -2.12
CA CYS A 33 0.75 -7.29 -1.13
C CYS A 33 1.24 -7.73 0.26
N ARG A 34 2.36 -7.21 0.70
CA ARG A 34 2.90 -7.60 2.04
C ARG A 34 2.35 -6.65 3.13
N PRO A 35 1.91 -7.19 4.26
CA PRO A 35 1.37 -6.32 5.35
C PRO A 35 2.49 -5.46 5.95
N PHE A 36 2.17 -4.28 6.41
CA PHE A 36 3.21 -3.40 7.04
C PHE A 36 2.62 -2.67 8.26
N LYS A 37 3.46 -2.22 9.14
CA LYS A 37 2.96 -1.49 10.36
C LYS A 37 2.69 -0.02 10.05
N TYR A 38 1.44 0.35 9.90
CA TYR A 38 1.11 1.77 9.61
C TYR A 38 0.96 2.56 10.91
N SER A 39 0.92 3.86 10.83
CA SER A 39 0.78 4.68 12.07
C SER A 39 -0.68 5.11 12.27
N GLY A 40 -1.16 6.03 11.47
CA GLY A 40 -2.57 6.49 11.60
C GLY A 40 -2.66 7.98 11.29
N CYS A 41 -1.57 8.71 11.43
CA CYS A 41 -1.59 10.17 11.14
C CYS A 41 -0.91 10.46 9.79
N GLY A 42 -1.68 10.84 8.81
CA GLY A 42 -1.10 11.14 7.46
C GLY A 42 -1.15 9.89 6.59
N GLY A 43 -0.06 9.53 5.97
CA GLY A 43 -0.04 8.31 5.10
C GLY A 43 -0.62 8.65 3.73
N ASN A 44 -0.40 7.79 2.75
CA ASN A 44 -0.94 8.05 1.38
C ASN A 44 -2.39 7.56 1.28
N GLU A 45 -2.92 7.50 0.08
CA GLU A 45 -4.32 7.03 -0.11
C GLU A 45 -4.34 5.63 -0.74
N ASN A 46 -3.35 4.84 -0.47
CA ASN A 46 -3.29 3.46 -1.05
C ASN A 46 -3.23 2.42 0.08
N ASN A 47 -3.86 2.70 1.19
CA ASN A 47 -3.84 1.74 2.33
C ASN A 47 -4.86 0.62 2.10
N PHE A 48 -4.41 -0.52 1.63
CA PHE A 48 -5.34 -1.66 1.37
C PHE A 48 -5.56 -2.45 2.67
N THR A 49 -6.71 -3.06 2.80
CA THR A 49 -7.01 -3.85 4.03
C THR A 49 -7.08 -5.36 3.72
N SER A 50 -7.34 -5.71 2.49
CA SER A 50 -7.43 -7.16 2.12
C SER A 50 -6.61 -7.43 0.85
N LYS A 51 -6.40 -8.68 0.53
CA LYS A 51 -5.62 -9.03 -0.70
C LYS A 51 -6.48 -8.83 -1.95
N GLN A 52 -7.77 -9.01 -1.83
CA GLN A 52 -8.67 -8.83 -3.00
C GLN A 52 -8.72 -7.35 -3.42
N GLU A 53 -8.55 -6.47 -2.46
CA GLU A 53 -8.58 -5.00 -2.80
C GLU A 53 -7.23 -4.58 -3.37
N CYS A 54 -6.16 -5.16 -2.89
CA CYS A 54 -4.80 -4.80 -3.40
C CYS A 54 -4.62 -5.33 -4.82
N LEU A 55 -5.24 -6.44 -5.12
CA LEU A 55 -5.11 -7.02 -6.49
C LEU A 55 -6.00 -6.26 -7.48
N ARG A 56 -7.25 -6.08 -7.14
CA ARG A 56 -8.19 -5.34 -8.05
C ARG A 56 -7.79 -3.86 -8.15
N ALA A 57 -7.01 -3.37 -7.23
CA ALA A 57 -6.59 -1.93 -7.27
C ALA A 57 -5.36 -1.75 -8.16
N CYS A 58 -4.24 -2.34 -7.79
CA CYS A 58 -3.00 -2.18 -8.61
C CYS A 58 -2.94 -3.23 -9.71
N LYS A 59 -3.33 -4.45 -9.42
CA LYS A 59 -3.30 -5.52 -10.45
C LYS A 59 -4.62 -5.58 -11.23
N LYS A 60 -5.14 -4.44 -11.64
CA LYS A 60 -6.43 -4.43 -12.40
C LYS A 60 -6.21 -4.97 -13.81
N GLY A 61 -6.85 -6.07 -14.13
CA GLY A 61 -6.69 -6.67 -15.49
C GLY A 61 -7.65 -7.84 -15.66
N GLU A 1 8.55 5.30 -15.62
CA GLU A 1 8.58 6.31 -16.73
C GLU A 1 7.19 6.44 -17.36
N PHE A 2 6.15 6.28 -16.59
CA PHE A 2 4.77 6.39 -17.14
C PHE A 2 4.16 7.75 -16.78
N HIS A 3 2.97 8.02 -17.25
CA HIS A 3 2.32 9.33 -16.93
C HIS A 3 0.95 9.10 -16.27
N GLY A 4 0.95 8.54 -15.08
CA GLY A 4 -0.33 8.30 -14.37
C GLY A 4 -0.24 8.82 -12.92
N PRO A 5 -1.08 8.31 -12.03
CA PRO A 5 -1.05 8.76 -10.62
C PRO A 5 0.31 8.44 -9.99
N SER A 6 0.35 8.34 -8.68
CA SER A 6 1.65 8.04 -7.99
C SER A 6 1.39 7.36 -6.64
N TRP A 7 0.44 6.47 -6.57
CA TRP A 7 0.15 5.77 -5.28
C TRP A 7 -0.04 4.27 -5.51
N CYS A 8 0.35 3.77 -6.65
CA CYS A 8 0.20 2.31 -6.93
C CYS A 8 1.52 1.60 -6.63
N LEU A 9 2.60 2.12 -7.15
CA LEU A 9 3.93 1.51 -6.90
C LEU A 9 4.71 2.35 -5.89
N THR A 10 4.02 3.11 -5.08
CA THR A 10 4.70 3.98 -4.07
C THR A 10 5.14 3.12 -2.86
N PRO A 11 6.21 3.51 -2.18
CA PRO A 11 6.67 2.73 -1.01
C PRO A 11 5.60 2.74 0.09
N ALA A 12 5.73 1.88 1.07
CA ALA A 12 4.73 1.85 2.17
C ALA A 12 4.85 3.09 3.05
N ASP A 13 4.08 4.11 2.77
CA ASP A 13 4.14 5.36 3.59
C ASP A 13 3.80 5.06 5.05
N ARG A 14 4.78 5.05 5.91
CA ARG A 14 4.52 4.77 7.35
C ARG A 14 3.61 5.84 7.94
N GLY A 15 4.13 7.04 8.13
CA GLY A 15 3.29 8.13 8.70
C GLY A 15 4.19 9.10 9.47
N LEU A 16 3.66 9.71 10.50
CA LEU A 16 4.46 10.67 11.32
C LEU A 16 4.15 10.53 12.81
N CYS A 17 3.46 9.48 13.21
CA CYS A 17 3.13 9.30 14.66
C CYS A 17 3.38 7.85 15.08
N ARG A 18 2.90 7.47 16.24
CA ARG A 18 3.12 6.08 16.72
C ARG A 18 1.83 5.24 16.62
N ALA A 19 1.77 4.37 15.64
CA ALA A 19 0.56 3.51 15.48
C ALA A 19 0.96 2.16 14.89
N ASN A 20 0.79 1.11 15.65
CA ASN A 20 1.16 -0.26 15.16
C ASN A 20 -0.01 -0.92 14.43
N GLU A 21 -0.36 -0.43 13.28
CA GLU A 21 -1.50 -1.03 12.51
C GLU A 21 -0.99 -2.20 11.67
N ASN A 22 -1.76 -2.62 10.69
CA ASN A 22 -1.31 -3.77 9.83
C ASN A 22 -1.98 -3.68 8.46
N ARG A 23 -1.59 -2.72 7.65
CA ARG A 23 -2.20 -2.57 6.30
C ARG A 23 -1.40 -3.38 5.26
N PHE A 24 -2.02 -3.72 4.16
CA PHE A 24 -1.32 -4.49 3.09
C PHE A 24 -0.68 -3.56 2.06
N TYR A 25 0.64 -3.51 2.02
CA TYR A 25 1.34 -2.61 1.04
C TYR A 25 1.63 -3.38 -0.27
N TYR A 26 1.29 -2.80 -1.40
CA TYR A 26 1.56 -3.47 -2.72
C TYR A 26 3.06 -3.42 -3.02
N ASN A 27 3.72 -4.56 -3.02
CA ASN A 27 5.19 -4.57 -3.32
C ASN A 27 5.41 -4.64 -4.83
N SER A 28 6.19 -3.72 -5.37
CA SER A 28 6.45 -3.71 -6.85
C SER A 28 7.55 -4.72 -7.23
N VAL A 29 8.05 -5.49 -6.29
CA VAL A 29 9.11 -6.48 -6.62
C VAL A 29 8.48 -7.88 -6.75
N ILE A 30 7.84 -8.34 -5.71
CA ILE A 30 7.19 -9.69 -5.77
C ILE A 30 5.79 -9.56 -6.40
N GLY A 31 5.09 -8.47 -6.13
CA GLY A 31 3.74 -8.28 -6.74
C GLY A 31 2.63 -8.39 -5.69
N LYS A 32 2.70 -9.36 -4.83
CA LYS A 32 1.63 -9.53 -3.79
C LYS A 32 1.70 -8.40 -2.76
N CYS A 33 0.61 -8.17 -2.06
CA CYS A 33 0.60 -7.08 -1.04
C CYS A 33 1.17 -7.61 0.30
N ARG A 34 2.27 -7.05 0.74
CA ARG A 34 2.88 -7.51 2.01
C ARG A 34 2.30 -6.70 3.20
N PRO A 35 1.84 -7.36 4.26
CA PRO A 35 1.28 -6.62 5.41
C PRO A 35 2.37 -5.79 6.10
N PHE A 36 2.16 -4.50 6.22
CA PHE A 36 3.20 -3.64 6.88
C PHE A 36 2.56 -2.85 8.04
N LYS A 37 3.35 -2.42 8.99
CA LYS A 37 2.80 -1.65 10.14
C LYS A 37 2.50 -0.21 9.71
N TYR A 38 1.26 0.08 9.44
CA TYR A 38 0.88 1.46 9.01
C TYR A 38 0.67 2.35 10.23
N SER A 39 0.77 3.65 10.06
CA SER A 39 0.57 4.57 11.22
C SER A 39 -0.92 4.90 11.37
N GLY A 40 -1.24 5.86 12.18
CA GLY A 40 -2.67 6.24 12.38
C GLY A 40 -2.84 7.75 12.19
N CYS A 41 -2.06 8.33 11.31
CA CYS A 41 -2.16 9.80 11.08
C CYS A 41 -1.65 10.16 9.68
N GLY A 42 -2.42 10.89 8.92
CA GLY A 42 -1.97 11.28 7.54
C GLY A 42 -1.68 10.03 6.71
N GLY A 43 -0.44 9.82 6.36
CA GLY A 43 -0.08 8.63 5.54
C GLY A 43 -0.58 8.82 4.11
N ASN A 44 -0.28 7.88 3.24
CA ASN A 44 -0.74 7.98 1.82
C ASN A 44 -2.18 7.49 1.70
N GLU A 45 -2.67 7.32 0.50
CA GLU A 45 -4.07 6.83 0.32
C GLU A 45 -4.10 5.48 -0.40
N ASN A 46 -3.02 4.73 -0.33
CA ASN A 46 -3.00 3.39 -0.99
C ASN A 46 -2.97 2.28 0.06
N ASN A 47 -3.59 2.51 1.19
CA ASN A 47 -3.61 1.48 2.27
C ASN A 47 -4.71 0.45 2.00
N PHE A 48 -4.35 -0.73 1.57
CA PHE A 48 -5.37 -1.78 1.29
C PHE A 48 -5.63 -2.61 2.56
N THR A 49 -6.87 -2.66 2.98
CA THR A 49 -7.20 -3.45 4.22
C THR A 49 -6.99 -4.95 3.98
N SER A 50 -7.00 -5.39 2.75
CA SER A 50 -6.81 -6.84 2.47
C SER A 50 -5.99 -7.05 1.19
N LYS A 51 -5.91 -8.26 0.71
CA LYS A 51 -5.14 -8.55 -0.53
C LYS A 51 -6.06 -8.50 -1.76
N GLN A 52 -7.29 -8.91 -1.60
CA GLN A 52 -8.24 -8.88 -2.75
C GLN A 52 -8.40 -7.45 -3.28
N GLU A 53 -8.33 -6.48 -2.40
CA GLU A 53 -8.48 -5.06 -2.84
C GLU A 53 -7.14 -4.54 -3.36
N CYS A 54 -6.05 -5.00 -2.79
CA CYS A 54 -4.71 -4.53 -3.24
C CYS A 54 -4.45 -5.00 -4.69
N LEU A 55 -4.70 -6.25 -4.96
CA LEU A 55 -4.48 -6.77 -6.34
C LEU A 55 -5.54 -6.22 -7.29
N ARG A 56 -6.79 -6.32 -6.92
CA ARG A 56 -7.88 -5.81 -7.79
C ARG A 56 -7.78 -4.28 -7.98
N ALA A 57 -6.98 -3.61 -7.18
CA ALA A 57 -6.85 -2.13 -7.32
C ALA A 57 -5.67 -1.76 -8.24
N CYS A 58 -4.46 -2.09 -7.84
CA CYS A 58 -3.28 -1.73 -8.70
C CYS A 58 -3.14 -2.70 -9.87
N LYS A 59 -3.25 -3.99 -9.63
CA LYS A 59 -3.14 -4.98 -10.75
C LYS A 59 -4.26 -4.73 -11.76
N LYS A 60 -5.44 -4.42 -11.28
CA LYS A 60 -6.60 -4.14 -12.19
C LYS A 60 -6.75 -5.21 -13.27
N GLY A 61 -7.28 -6.36 -12.93
CA GLY A 61 -7.46 -7.44 -13.94
C GLY A 61 -6.44 -8.54 -13.71
N GLU A 1 3.95 11.93 -18.63
CA GLU A 1 2.95 10.92 -18.20
C GLU A 1 3.65 9.75 -17.50
N PHE A 2 3.08 9.24 -16.45
CA PHE A 2 3.71 8.09 -15.72
C PHE A 2 2.94 6.80 -16.03
N HIS A 3 2.75 6.50 -17.29
CA HIS A 3 2.01 5.26 -17.70
C HIS A 3 0.61 5.23 -17.04
N GLY A 4 0.50 4.69 -15.85
CA GLY A 4 -0.83 4.64 -15.17
C GLY A 4 -0.77 5.47 -13.87
N PRO A 5 -1.66 5.20 -12.92
CA PRO A 5 -1.64 5.95 -11.65
C PRO A 5 -0.32 5.74 -10.93
N SER A 6 -0.06 6.53 -9.91
CA SER A 6 1.21 6.37 -9.15
C SER A 6 0.90 6.35 -7.65
N TRP A 7 -0.05 5.55 -7.25
CA TRP A 7 -0.39 5.49 -5.79
C TRP A 7 -0.27 4.06 -5.24
N CYS A 8 -0.31 3.05 -6.08
CA CYS A 8 -0.12 1.65 -5.56
C CYS A 8 1.34 1.24 -5.77
N LEU A 9 2.23 2.20 -5.70
CA LEU A 9 3.68 1.92 -5.90
C LEU A 9 4.48 2.40 -4.67
N THR A 10 4.05 3.49 -4.07
CA THR A 10 4.77 4.04 -2.86
C THR A 10 5.12 2.93 -1.84
N PRO A 11 6.25 3.03 -1.17
CA PRO A 11 6.64 1.98 -0.18
C PRO A 11 5.62 1.91 0.96
N ALA A 12 5.86 1.06 1.92
CA ALA A 12 4.92 0.94 3.08
C ALA A 12 5.00 2.17 3.97
N ASP A 13 4.14 3.13 3.75
CA ASP A 13 4.16 4.37 4.59
C ASP A 13 3.40 4.16 5.90
N ARG A 14 4.09 4.26 7.02
CA ARG A 14 3.42 4.07 8.33
C ARG A 14 2.37 5.16 8.53
N GLY A 15 2.75 6.40 8.32
CA GLY A 15 1.80 7.53 8.47
C GLY A 15 2.41 8.62 9.34
N LEU A 16 1.76 8.96 10.42
CA LEU A 16 2.28 10.02 11.31
C LEU A 16 1.75 9.83 12.73
N CYS A 17 1.51 8.60 13.11
CA CYS A 17 0.99 8.31 14.47
C CYS A 17 1.76 7.14 15.09
N ARG A 18 1.31 6.65 16.22
CA ARG A 18 2.01 5.49 16.86
C ARG A 18 1.04 4.31 16.94
N ALA A 19 0.28 4.09 15.89
CA ALA A 19 -0.69 2.96 15.88
C ALA A 19 -0.10 1.76 15.12
N ASN A 20 -0.04 0.62 15.76
CA ASN A 20 0.53 -0.59 15.10
C ASN A 20 -0.56 -1.38 14.37
N GLU A 21 -0.97 -0.92 13.22
CA GLU A 21 -2.03 -1.64 12.45
C GLU A 21 -1.37 -2.66 11.49
N ASN A 22 -2.09 -3.13 10.51
CA ASN A 22 -1.51 -4.11 9.55
C ASN A 22 -2.12 -3.93 8.16
N ARG A 23 -1.68 -2.93 7.43
CA ARG A 23 -2.24 -2.69 6.06
C ARG A 23 -1.42 -3.45 5.01
N PHE A 24 -2.02 -3.74 3.89
CA PHE A 24 -1.30 -4.48 2.80
C PHE A 24 -0.60 -3.52 1.84
N TYR A 25 0.71 -3.47 1.87
CA TYR A 25 1.46 -2.58 0.94
C TYR A 25 1.78 -3.34 -0.37
N TYR A 26 1.43 -2.77 -1.49
CA TYR A 26 1.72 -3.44 -2.79
C TYR A 26 3.22 -3.32 -3.11
N ASN A 27 3.95 -4.38 -2.96
CA ASN A 27 5.43 -4.33 -3.26
C ASN A 27 5.67 -4.22 -4.76
N SER A 28 6.39 -3.21 -5.17
CA SER A 28 6.69 -3.04 -6.63
C SER A 28 7.84 -3.95 -7.07
N VAL A 29 8.42 -4.70 -6.16
CA VAL A 29 9.54 -5.61 -6.56
C VAL A 29 9.01 -7.04 -6.74
N ILE A 30 8.34 -7.57 -5.74
CA ILE A 30 7.81 -8.96 -5.86
C ILE A 30 6.39 -8.95 -6.42
N GLY A 31 5.66 -7.88 -6.19
CA GLY A 31 4.27 -7.79 -6.73
C GLY A 31 3.27 -8.20 -5.64
N LYS A 32 3.62 -9.15 -4.82
CA LYS A 32 2.69 -9.60 -3.74
C LYS A 32 2.48 -8.49 -2.71
N CYS A 33 1.27 -8.31 -2.25
CA CYS A 33 0.99 -7.24 -1.25
C CYS A 33 1.54 -7.67 0.12
N ARG A 34 2.60 -7.03 0.56
CA ARG A 34 3.21 -7.38 1.88
C ARG A 34 2.54 -6.59 3.02
N PRO A 35 1.88 -7.27 3.96
CA PRO A 35 1.23 -6.55 5.09
C PRO A 35 2.27 -5.78 5.90
N PHE A 36 2.08 -4.50 6.07
CA PHE A 36 3.04 -3.69 6.88
C PHE A 36 2.32 -3.03 8.06
N LYS A 37 3.06 -2.40 8.94
CA LYS A 37 2.42 -1.75 10.12
C LYS A 37 2.02 -0.30 9.81
N TYR A 38 0.74 -0.08 9.56
CA TYR A 38 0.26 1.30 9.26
C TYR A 38 -0.14 2.02 10.56
N SER A 39 -0.40 3.30 10.50
CA SER A 39 -0.79 4.05 11.73
C SER A 39 -2.24 4.54 11.61
N GLY A 40 -2.73 5.18 12.65
CA GLY A 40 -4.11 5.72 12.61
C GLY A 40 -4.08 7.02 11.82
N CYS A 41 -3.01 7.76 11.98
CA CYS A 41 -2.85 9.06 11.23
C CYS A 41 -3.06 8.83 9.74
N GLY A 42 -3.15 9.89 8.98
CA GLY A 42 -3.36 9.75 7.51
C GLY A 42 -2.06 10.13 6.77
N GLY A 43 -1.27 9.16 6.39
CA GLY A 43 0.00 9.44 5.66
C GLY A 43 -0.22 9.41 4.15
N ASN A 44 0.15 8.33 3.50
CA ASN A 44 -0.03 8.25 2.01
C ASN A 44 -1.46 7.85 1.67
N GLU A 45 -1.72 7.53 0.42
CA GLU A 45 -3.10 7.15 0.02
C GLU A 45 -3.12 5.73 -0.56
N ASN A 46 -2.30 4.85 -0.04
CA ASN A 46 -2.27 3.44 -0.55
C ASN A 46 -2.46 2.45 0.60
N ASN A 47 -3.35 2.75 1.51
CA ASN A 47 -3.60 1.83 2.66
C ASN A 47 -4.66 0.78 2.30
N PHE A 48 -4.25 -0.38 1.89
CA PHE A 48 -5.23 -1.44 1.52
C PHE A 48 -5.77 -2.13 2.78
N THR A 49 -7.05 -2.23 2.91
CA THR A 49 -7.64 -2.89 4.11
C THR A 49 -7.53 -4.42 4.02
N SER A 50 -7.42 -4.94 2.81
CA SER A 50 -7.31 -6.42 2.64
C SER A 50 -6.56 -6.74 1.34
N LYS A 51 -6.32 -8.01 1.09
CA LYS A 51 -5.60 -8.39 -0.15
C LYS A 51 -6.53 -8.34 -1.36
N GLN A 52 -7.81 -8.57 -1.14
CA GLN A 52 -8.78 -8.52 -2.27
C GLN A 52 -8.77 -7.14 -2.92
N GLU A 53 -8.63 -6.10 -2.13
CA GLU A 53 -8.61 -4.73 -2.69
C GLU A 53 -7.23 -4.43 -3.27
N CYS A 54 -6.19 -4.90 -2.64
CA CYS A 54 -4.81 -4.66 -3.15
C CYS A 54 -4.65 -5.21 -4.57
N LEU A 55 -5.06 -6.44 -4.79
CA LEU A 55 -4.94 -7.04 -6.14
C LEU A 55 -5.91 -6.35 -7.12
N ARG A 56 -7.15 -6.25 -6.75
CA ARG A 56 -8.16 -5.59 -7.64
C ARG A 56 -7.83 -4.11 -7.88
N ALA A 57 -6.92 -3.56 -7.12
CA ALA A 57 -6.57 -2.12 -7.28
C ALA A 57 -5.38 -1.92 -8.24
N CYS A 58 -4.22 -2.36 -7.84
CA CYS A 58 -3.00 -2.19 -8.71
C CYS A 58 -2.88 -3.33 -9.72
N LYS A 59 -3.34 -4.52 -9.38
CA LYS A 59 -3.24 -5.65 -10.35
C LYS A 59 -4.49 -5.69 -11.23
N LYS A 60 -5.63 -5.38 -10.67
CA LYS A 60 -6.91 -5.41 -11.45
C LYS A 60 -7.08 -6.79 -12.11
N GLY A 61 -7.46 -7.77 -11.33
CA GLY A 61 -7.63 -9.15 -11.87
C GLY A 61 -8.15 -10.07 -10.77
N GLU A 1 11.06 5.31 -11.74
CA GLU A 1 9.81 4.68 -12.30
C GLU A 1 8.60 5.56 -11.98
N PHE A 2 7.98 6.12 -12.99
CA PHE A 2 6.78 6.98 -12.75
C PHE A 2 5.86 6.97 -13.98
N HIS A 3 5.88 5.90 -14.74
CA HIS A 3 5.02 5.82 -15.96
C HIS A 3 3.54 5.82 -15.57
N GLY A 4 3.09 4.76 -14.93
CA GLY A 4 1.65 4.68 -14.52
C GLY A 4 1.34 5.82 -13.53
N PRO A 5 0.25 5.71 -12.80
CA PRO A 5 -0.11 6.77 -11.83
C PRO A 5 0.99 6.91 -10.78
N SER A 6 0.85 7.84 -9.87
CA SER A 6 1.90 8.02 -8.82
C SER A 6 1.40 7.55 -7.46
N TRP A 7 0.67 6.45 -7.42
CA TRP A 7 0.17 5.94 -6.10
C TRP A 7 -0.10 4.44 -6.16
N CYS A 8 0.46 3.72 -7.10
CA CYS A 8 0.24 2.25 -7.18
C CYS A 8 1.57 1.52 -6.90
N LEU A 9 2.67 2.12 -7.30
CA LEU A 9 4.00 1.49 -7.06
C LEU A 9 4.86 2.40 -6.17
N THR A 10 4.26 3.36 -5.50
CA THR A 10 5.05 4.28 -4.63
C THR A 10 5.55 3.54 -3.38
N PRO A 11 6.67 3.97 -2.81
CA PRO A 11 7.21 3.30 -1.61
C PRO A 11 6.21 3.39 -0.45
N ALA A 12 6.06 2.33 0.30
CA ALA A 12 5.09 2.34 1.44
C ALA A 12 5.50 3.42 2.45
N ASP A 13 4.64 4.39 2.66
CA ASP A 13 4.97 5.48 3.63
C ASP A 13 4.74 5.00 5.07
N ARG A 14 5.66 4.24 5.60
CA ARG A 14 5.50 3.72 7.00
C ARG A 14 6.36 4.54 7.97
N GLY A 15 6.05 5.82 8.12
CA GLY A 15 6.85 6.67 9.05
C GLY A 15 6.13 8.01 9.30
N LEU A 16 5.28 8.04 10.28
CA LEU A 16 4.55 9.31 10.61
C LEU A 16 4.09 9.28 12.07
N CYS A 17 2.94 8.69 12.37
CA CYS A 17 2.49 8.61 13.78
C CYS A 17 3.03 7.30 14.35
N ARG A 18 2.64 6.89 15.53
CA ARG A 18 3.19 5.61 16.11
C ARG A 18 2.08 4.59 16.39
N ALA A 19 2.09 3.48 15.68
CA ALA A 19 1.05 2.42 15.89
C ALA A 19 1.38 1.20 15.02
N ASN A 20 1.36 0.02 15.58
CA ASN A 20 1.67 -1.21 14.78
C ASN A 20 0.39 -1.77 14.15
N GLU A 21 -0.04 -1.19 13.06
CA GLU A 21 -1.29 -1.68 12.38
C GLU A 21 -0.98 -2.84 11.43
N ASN A 22 -1.84 -3.10 10.47
CA ASN A 22 -1.61 -4.23 9.51
C ASN A 22 -2.17 -3.88 8.12
N ARG A 23 -1.56 -2.92 7.45
CA ARG A 23 -2.05 -2.52 6.09
C ARG A 23 -1.35 -3.33 4.99
N PHE A 24 -2.00 -3.50 3.87
CA PHE A 24 -1.38 -4.27 2.74
C PHE A 24 -0.65 -3.32 1.77
N TYR A 25 0.66 -3.30 1.81
CA TYR A 25 1.44 -2.42 0.89
C TYR A 25 1.78 -3.18 -0.40
N TYR A 26 1.45 -2.62 -1.53
CA TYR A 26 1.77 -3.31 -2.83
C TYR A 26 3.27 -3.22 -3.11
N ASN A 27 3.96 -4.33 -3.04
CA ASN A 27 5.44 -4.31 -3.32
C ASN A 27 5.70 -4.39 -4.82
N SER A 28 6.50 -3.49 -5.33
CA SER A 28 6.80 -3.48 -6.80
C SER A 28 7.84 -4.57 -7.17
N VAL A 29 8.31 -5.34 -6.22
CA VAL A 29 9.30 -6.40 -6.55
C VAL A 29 8.60 -7.75 -6.59
N ILE A 30 8.06 -8.18 -5.48
CA ILE A 30 7.35 -9.49 -5.44
C ILE A 30 6.02 -9.39 -6.21
N GLY A 31 5.35 -8.27 -6.14
CA GLY A 31 4.07 -8.10 -6.88
C GLY A 31 2.89 -8.19 -5.90
N LYS A 32 2.94 -9.12 -4.98
CA LYS A 32 1.83 -9.26 -3.99
C LYS A 32 1.95 -8.19 -2.90
N CYS A 33 0.87 -7.91 -2.21
CA CYS A 33 0.92 -6.87 -1.14
C CYS A 33 1.36 -7.49 0.20
N ARG A 34 2.43 -6.99 0.77
CA ARG A 34 2.92 -7.55 2.08
C ARG A 34 2.27 -6.79 3.26
N PRO A 35 1.62 -7.49 4.18
CA PRO A 35 0.97 -6.80 5.32
C PRO A 35 2.03 -6.10 6.19
N PHE A 36 2.12 -4.80 6.09
CA PHE A 36 3.11 -4.05 6.91
C PHE A 36 2.41 -3.39 8.10
N LYS A 37 3.14 -2.65 8.89
CA LYS A 37 2.51 -1.99 10.08
C LYS A 37 2.24 -0.51 9.82
N TYR A 38 1.05 -0.16 9.37
CA TYR A 38 0.74 1.29 9.14
C TYR A 38 0.95 2.06 10.44
N SER A 39 1.54 3.22 10.36
CA SER A 39 1.84 4.00 11.60
C SER A 39 0.71 4.94 12.02
N GLY A 40 -0.50 4.45 12.07
CA GLY A 40 -1.62 5.30 12.58
C GLY A 40 -2.15 6.30 11.54
N CYS A 41 -1.35 7.26 11.12
CA CYS A 41 -1.90 8.31 10.18
C CYS A 41 -0.86 8.96 9.27
N GLY A 42 -1.34 9.64 8.24
CA GLY A 42 -0.44 10.33 7.27
C GLY A 42 0.04 9.32 6.23
N GLY A 43 0.75 9.78 5.23
CA GLY A 43 1.29 8.83 4.20
C GLY A 43 0.67 9.07 2.83
N ASN A 44 1.11 8.34 1.84
CA ASN A 44 0.53 8.49 0.46
C ASN A 44 -0.95 8.09 0.50
N GLU A 45 -1.48 7.60 -0.58
CA GLU A 45 -2.91 7.18 -0.57
C GLU A 45 -3.03 5.76 -1.12
N ASN A 46 -1.99 4.97 -0.97
CA ASN A 46 -2.02 3.57 -1.48
C ASN A 46 -2.17 2.59 -0.31
N ASN A 47 -2.80 3.02 0.74
CA ASN A 47 -2.99 2.12 1.93
C ASN A 47 -4.21 1.21 1.72
N PHE A 48 -3.97 -0.05 1.46
CA PHE A 48 -5.11 -1.00 1.24
C PHE A 48 -5.54 -1.63 2.56
N THR A 49 -6.82 -1.69 2.80
CA THR A 49 -7.31 -2.31 4.07
C THR A 49 -7.33 -3.84 3.96
N SER A 50 -7.35 -4.36 2.76
CA SER A 50 -7.36 -5.84 2.58
C SER A 50 -6.48 -6.26 1.39
N LYS A 51 -6.14 -7.51 1.31
CA LYS A 51 -5.28 -7.99 0.19
C LYS A 51 -6.11 -8.20 -1.08
N GLN A 52 -7.39 -8.47 -0.93
CA GLN A 52 -8.26 -8.68 -2.12
C GLN A 52 -8.39 -7.39 -2.92
N GLU A 53 -8.50 -6.27 -2.24
CA GLU A 53 -8.64 -4.96 -2.96
C GLU A 53 -7.26 -4.50 -3.43
N CYS A 54 -6.21 -4.85 -2.74
CA CYS A 54 -4.85 -4.44 -3.16
C CYS A 54 -4.53 -4.98 -4.54
N LEU A 55 -4.74 -6.26 -4.76
CA LEU A 55 -4.47 -6.85 -6.10
C LEU A 55 -5.53 -6.40 -7.10
N ARG A 56 -6.77 -6.43 -6.70
CA ARG A 56 -7.88 -6.01 -7.61
C ARG A 56 -7.73 -4.53 -8.01
N ALA A 57 -6.98 -3.78 -7.25
CA ALA A 57 -6.81 -2.33 -7.58
C ALA A 57 -5.59 -2.12 -8.49
N CYS A 58 -4.41 -2.35 -7.98
CA CYS A 58 -3.18 -2.15 -8.82
C CYS A 58 -3.06 -3.30 -9.83
N LYS A 59 -3.18 -4.53 -9.38
CA LYS A 59 -3.07 -5.68 -10.34
C LYS A 59 -4.46 -6.05 -10.87
N LYS A 60 -5.17 -5.08 -11.40
CA LYS A 60 -6.54 -5.36 -11.96
C LYS A 60 -6.46 -6.43 -13.06
N GLY A 61 -7.21 -7.49 -12.92
CA GLY A 61 -7.19 -8.56 -13.96
C GLY A 61 -8.60 -9.13 -14.14
N GLU A 1 8.78 6.28 -17.26
CA GLU A 1 7.31 6.26 -17.54
C GLU A 1 6.62 5.26 -16.61
N PHE A 2 5.31 5.33 -16.53
CA PHE A 2 4.56 4.39 -15.63
C PHE A 2 3.39 3.76 -16.41
N HIS A 3 2.45 3.18 -15.72
CA HIS A 3 1.29 2.54 -16.40
C HIS A 3 0.06 3.46 -16.36
N GLY A 4 -0.43 3.77 -15.18
CA GLY A 4 -1.62 4.65 -15.08
C GLY A 4 -1.70 5.27 -13.67
N PRO A 5 -2.19 4.52 -12.69
CA PRO A 5 -2.28 5.05 -11.32
C PRO A 5 -0.91 5.46 -10.79
N SER A 6 -0.80 6.65 -10.28
CA SER A 6 0.52 7.13 -9.74
C SER A 6 0.54 6.99 -8.22
N TRP A 7 -0.20 6.05 -7.69
CA TRP A 7 -0.22 5.86 -6.21
C TRP A 7 -0.16 4.37 -5.86
N CYS A 8 0.29 3.54 -6.78
CA CYS A 8 0.38 2.08 -6.50
C CYS A 8 1.84 1.70 -6.26
N LEU A 9 2.74 2.25 -7.02
CA LEU A 9 4.19 1.94 -6.86
C LEU A 9 4.84 2.90 -5.85
N THR A 10 4.05 3.61 -5.08
CA THR A 10 4.63 4.55 -4.08
C THR A 10 4.87 3.83 -2.74
N PRO A 11 5.88 4.24 -1.99
CA PRO A 11 6.16 3.58 -0.68
C PRO A 11 4.98 3.76 0.27
N ALA A 12 4.75 2.82 1.14
CA ALA A 12 3.61 2.93 2.10
C ALA A 12 4.00 3.83 3.28
N ASP A 13 3.13 4.75 3.65
CA ASP A 13 3.45 5.67 4.77
C ASP A 13 3.21 4.97 6.12
N ARG A 14 4.25 4.78 6.89
CA ARG A 14 4.10 4.10 8.22
C ARG A 14 4.82 4.89 9.32
N GLY A 15 5.07 6.15 9.10
CA GLY A 15 5.79 6.96 10.13
C GLY A 15 4.99 8.23 10.45
N LEU A 16 4.23 8.20 11.51
CA LEU A 16 3.43 9.41 11.90
C LEU A 16 3.01 9.31 13.36
N CYS A 17 1.92 8.63 13.65
CA CYS A 17 1.45 8.52 15.07
C CYS A 17 0.17 7.67 15.14
N ARG A 18 -0.53 7.71 16.26
CA ARG A 18 -1.80 6.93 16.45
C ARG A 18 -1.51 5.44 16.75
N ALA A 19 -1.16 4.65 15.75
CA ALA A 19 -0.89 3.19 16.02
C ALA A 19 -0.38 2.46 14.77
N ASN A 20 0.62 1.64 14.93
CA ASN A 20 1.15 0.87 13.76
C ASN A 20 0.30 -0.39 13.56
N GLU A 21 -0.78 -0.26 12.83
CA GLU A 21 -1.70 -1.43 12.59
C GLU A 21 -1.04 -2.43 11.63
N ASN A 22 -1.79 -3.03 10.73
CA ASN A 22 -1.20 -4.01 9.77
C ASN A 22 -1.86 -3.90 8.39
N ARG A 23 -1.49 -2.90 7.62
CA ARG A 23 -2.10 -2.73 6.26
C ARG A 23 -1.29 -3.49 5.21
N PHE A 24 -1.90 -3.79 4.08
CA PHE A 24 -1.17 -4.54 3.01
C PHE A 24 -0.50 -3.58 2.02
N TYR A 25 0.81 -3.55 2.00
CA TYR A 25 1.53 -2.65 1.06
C TYR A 25 1.82 -3.40 -0.26
N TYR A 26 1.34 -2.89 -1.36
CA TYR A 26 1.60 -3.55 -2.68
C TYR A 26 3.09 -3.39 -3.03
N ASN A 27 3.84 -4.47 -2.93
CA ASN A 27 5.30 -4.38 -3.25
C ASN A 27 5.52 -4.47 -4.75
N SER A 28 6.24 -3.51 -5.31
CA SER A 28 6.50 -3.52 -6.77
C SER A 28 7.70 -4.42 -7.12
N VAL A 29 8.32 -5.03 -6.13
CA VAL A 29 9.49 -5.92 -6.41
C VAL A 29 9.02 -7.38 -6.46
N ILE A 30 8.32 -7.82 -5.44
CA ILE A 30 7.82 -9.23 -5.42
C ILE A 30 6.49 -9.34 -6.16
N GLY A 31 5.64 -8.34 -6.04
CA GLY A 31 4.33 -8.39 -6.77
C GLY A 31 3.16 -8.49 -5.78
N LYS A 32 3.29 -9.34 -4.78
CA LYS A 32 2.17 -9.49 -3.79
C LYS A 32 2.22 -8.36 -2.76
N CYS A 33 1.14 -8.16 -2.04
CA CYS A 33 1.10 -7.07 -1.02
C CYS A 33 1.64 -7.57 0.34
N ARG A 34 2.71 -7.01 0.80
CA ARG A 34 3.29 -7.45 2.11
C ARG A 34 2.66 -6.62 3.26
N PRO A 35 2.06 -7.29 4.24
CA PRO A 35 1.43 -6.53 5.36
C PRO A 35 2.47 -5.71 6.12
N PHE A 36 2.27 -4.42 6.23
CA PHE A 36 3.23 -3.56 6.97
C PHE A 36 2.50 -2.84 8.11
N LYS A 37 3.21 -2.10 8.92
CA LYS A 37 2.55 -1.38 10.05
C LYS A 37 2.20 0.05 9.65
N TYR A 38 0.96 0.29 9.32
CA TYR A 38 0.54 1.67 8.91
C TYR A 38 0.10 2.48 10.14
N SER A 39 0.69 3.62 10.34
CA SER A 39 0.30 4.48 11.50
C SER A 39 -1.06 5.13 11.21
N GLY A 40 -1.58 5.92 12.13
CA GLY A 40 -2.89 6.57 11.89
C GLY A 40 -2.68 8.01 11.43
N CYS A 41 -3.16 8.96 12.20
CA CYS A 41 -3.00 10.41 11.86
C CYS A 41 -3.30 10.69 10.36
N GLY A 42 -2.30 10.66 9.50
CA GLY A 42 -2.55 10.94 8.05
C GLY A 42 -1.78 9.92 7.21
N GLY A 43 -0.88 10.38 6.39
CA GLY A 43 -0.08 9.46 5.53
C GLY A 43 -0.60 9.52 4.09
N ASN A 44 -0.27 8.53 3.30
CA ASN A 44 -0.73 8.53 1.88
C ASN A 44 -2.14 7.94 1.77
N GLU A 45 -2.61 7.72 0.58
CA GLU A 45 -3.98 7.16 0.39
C GLU A 45 -3.93 5.85 -0.41
N ASN A 46 -2.90 5.07 -0.21
CA ASN A 46 -2.78 3.78 -0.97
C ASN A 46 -2.64 2.60 0.01
N ASN A 47 -3.29 2.69 1.14
CA ASN A 47 -3.21 1.59 2.15
C ASN A 47 -4.33 0.56 1.90
N PHE A 48 -3.97 -0.61 1.48
CA PHE A 48 -5.01 -1.67 1.21
C PHE A 48 -5.30 -2.46 2.49
N THR A 49 -6.55 -2.62 2.84
CA THR A 49 -6.89 -3.40 4.06
C THR A 49 -7.35 -4.82 3.71
N SER A 50 -7.18 -5.24 2.47
CA SER A 50 -7.61 -6.61 2.06
C SER A 50 -6.80 -7.07 0.85
N LYS A 51 -6.67 -8.36 0.67
CA LYS A 51 -5.89 -8.88 -0.49
C LYS A 51 -6.70 -8.71 -1.79
N GLN A 52 -8.00 -8.80 -1.72
CA GLN A 52 -8.84 -8.64 -2.94
C GLN A 52 -8.81 -7.18 -3.41
N GLU A 53 -8.67 -6.26 -2.49
CA GLU A 53 -8.62 -4.82 -2.87
C GLU A 53 -7.21 -4.44 -3.34
N CYS A 54 -6.21 -5.03 -2.75
CA CYS A 54 -4.81 -4.72 -3.14
C CYS A 54 -4.55 -5.17 -4.58
N LEU A 55 -5.09 -6.30 -4.97
CA LEU A 55 -4.88 -6.81 -6.36
C LEU A 55 -5.88 -6.16 -7.33
N ARG A 56 -7.13 -6.17 -6.98
CA ARG A 56 -8.17 -5.57 -7.89
C ARG A 56 -7.88 -4.08 -8.14
N ALA A 57 -7.13 -3.45 -7.27
CA ALA A 57 -6.82 -2.00 -7.47
C ALA A 57 -5.50 -1.81 -8.22
N CYS A 58 -4.44 -2.40 -7.71
CA CYS A 58 -3.10 -2.24 -8.38
C CYS A 58 -2.94 -3.25 -9.52
N LYS A 59 -3.14 -4.51 -9.25
CA LYS A 59 -2.99 -5.54 -10.33
C LYS A 59 -3.96 -5.24 -11.48
N LYS A 60 -5.13 -4.73 -11.18
CA LYS A 60 -6.13 -4.42 -12.24
C LYS A 60 -6.36 -5.62 -13.16
N GLY A 61 -6.61 -6.77 -12.60
CA GLY A 61 -6.83 -7.99 -13.43
C GLY A 61 -6.01 -9.15 -12.88
N GLU A 1 3.85 1.04 -22.82
CA GLU A 1 3.75 2.37 -22.16
C GLU A 1 2.64 2.34 -21.11
N PHE A 2 2.94 1.90 -19.91
CA PHE A 2 1.90 1.84 -18.85
C PHE A 2 2.22 2.87 -17.75
N HIS A 3 1.54 3.98 -17.77
CA HIS A 3 1.79 5.04 -16.74
C HIS A 3 1.00 4.73 -15.46
N GLY A 4 -0.30 4.73 -15.54
CA GLY A 4 -1.13 4.43 -14.32
C GLY A 4 -1.10 5.65 -13.37
N PRO A 5 -1.85 5.59 -12.30
CA PRO A 5 -1.87 6.72 -11.34
C PRO A 5 -0.48 6.93 -10.73
N SER A 6 -0.41 7.57 -9.60
CA SER A 6 0.92 7.82 -8.95
C SER A 6 0.92 7.29 -7.52
N TRP A 7 0.19 6.25 -7.26
CA TRP A 7 0.14 5.67 -5.88
C TRP A 7 0.04 4.15 -5.92
N CYS A 8 0.56 3.54 -6.96
CA CYS A 8 0.51 2.06 -7.08
C CYS A 8 1.93 1.49 -6.96
N LEU A 9 2.90 2.21 -7.47
CA LEU A 9 4.32 1.74 -7.38
C LEU A 9 5.11 2.59 -6.38
N THR A 10 4.42 3.23 -5.47
CA THR A 10 5.12 4.09 -4.46
C THR A 10 5.37 3.29 -3.16
N PRO A 11 6.43 3.62 -2.43
CA PRO A 11 6.72 2.90 -1.17
C PRO A 11 5.53 3.02 -0.19
N ALA A 12 5.39 2.06 0.69
CA ALA A 12 4.27 2.12 1.68
C ALA A 12 4.48 3.28 2.65
N ASP A 13 3.61 4.26 2.61
CA ASP A 13 3.75 5.43 3.53
C ASP A 13 3.28 5.07 4.93
N ARG A 14 4.17 5.11 5.90
CA ARG A 14 3.78 4.78 7.31
C ARG A 14 2.62 5.68 7.75
N GLY A 15 2.55 6.87 7.21
CA GLY A 15 1.45 7.80 7.58
C GLY A 15 2.03 8.98 8.36
N LEU A 16 1.36 9.36 9.42
CA LEU A 16 1.83 10.51 10.24
C LEU A 16 1.64 10.18 11.73
N CYS A 17 0.46 9.75 12.07
CA CYS A 17 0.14 9.38 13.48
C CYS A 17 1.03 8.20 13.92
N ARG A 18 0.68 7.55 14.99
CA ARG A 18 1.47 6.38 15.47
C ARG A 18 0.53 5.24 15.86
N ALA A 19 0.59 4.13 15.16
CA ALA A 19 -0.30 2.98 15.50
C ALA A 19 0.24 1.68 14.89
N ASN A 20 0.12 0.59 15.59
CA ASN A 20 0.62 -0.71 15.07
C ASN A 20 -0.48 -1.45 14.28
N GLU A 21 -0.96 -0.86 13.22
CA GLU A 21 -2.03 -1.51 12.41
C GLU A 21 -1.42 -2.54 11.45
N ASN A 22 -2.19 -3.04 10.52
CA ASN A 22 -1.66 -4.04 9.55
C ASN A 22 -2.27 -3.82 8.17
N ARG A 23 -1.78 -2.85 7.44
CA ARG A 23 -2.33 -2.57 6.08
C ARG A 23 -1.57 -3.39 5.04
N PHE A 24 -2.16 -3.63 3.89
CA PHE A 24 -1.47 -4.43 2.84
C PHE A 24 -0.70 -3.52 1.87
N TYR A 25 0.61 -3.61 1.88
CA TYR A 25 1.44 -2.77 0.95
C TYR A 25 1.67 -3.53 -0.36
N TYR A 26 1.62 -2.82 -1.47
CA TYR A 26 1.86 -3.47 -2.79
C TYR A 26 3.33 -3.37 -3.17
N ASN A 27 4.06 -4.45 -3.07
CA ASN A 27 5.52 -4.41 -3.42
C ASN A 27 5.67 -4.21 -4.93
N SER A 28 6.32 -3.14 -5.33
CA SER A 28 6.51 -2.87 -6.79
C SER A 28 7.66 -3.71 -7.36
N VAL A 29 8.30 -4.53 -6.55
CA VAL A 29 9.42 -5.37 -7.06
C VAL A 29 8.91 -6.79 -7.33
N ILE A 30 8.37 -7.43 -6.33
CA ILE A 30 7.84 -8.81 -6.52
C ILE A 30 6.35 -8.76 -6.93
N GLY A 31 5.64 -7.77 -6.49
CA GLY A 31 4.19 -7.65 -6.85
C GLY A 31 3.34 -8.16 -5.69
N LYS A 32 3.83 -9.14 -4.97
CA LYS A 32 3.06 -9.70 -3.80
C LYS A 32 2.74 -8.57 -2.81
N CYS A 33 1.51 -8.51 -2.34
CA CYS A 33 1.12 -7.45 -1.38
C CYS A 33 1.52 -7.87 0.04
N ARG A 34 2.60 -7.32 0.54
CA ARG A 34 3.07 -7.69 1.92
C ARG A 34 2.46 -6.74 2.96
N PRO A 35 1.85 -7.26 4.02
CA PRO A 35 1.24 -6.39 5.06
C PRO A 35 2.33 -5.62 5.82
N PHE A 36 2.02 -4.42 6.25
CA PHE A 36 3.03 -3.62 7.02
C PHE A 36 2.33 -2.92 8.19
N LYS A 37 3.08 -2.29 9.05
CA LYS A 37 2.46 -1.58 10.21
C LYS A 37 2.18 -0.12 9.87
N TYR A 38 0.97 0.19 9.48
CA TYR A 38 0.61 1.59 9.15
C TYR A 38 0.17 2.32 10.41
N SER A 39 0.15 3.63 10.39
CA SER A 39 -0.27 4.40 11.61
C SER A 39 -1.77 4.71 11.55
N GLY A 40 -2.26 5.47 12.49
CA GLY A 40 -3.72 5.81 12.50
C GLY A 40 -3.91 7.25 12.00
N CYS A 41 -3.67 7.49 10.74
CA CYS A 41 -3.81 8.88 10.19
C CYS A 41 -4.18 8.82 8.69
N GLY A 42 -3.87 9.86 7.96
CA GLY A 42 -4.17 9.89 6.50
C GLY A 42 -2.91 10.27 5.71
N GLY A 43 -2.00 9.35 5.53
CA GLY A 43 -0.74 9.66 4.78
C GLY A 43 -1.01 9.62 3.28
N ASN A 44 -0.51 8.61 2.60
CA ASN A 44 -0.73 8.50 1.12
C ASN A 44 -2.12 7.90 0.83
N GLU A 45 -2.40 7.61 -0.41
CA GLU A 45 -3.73 7.03 -0.76
C GLU A 45 -3.56 5.61 -1.33
N ASN A 46 -2.55 4.90 -0.88
CA ASN A 46 -2.33 3.52 -1.38
C ASN A 46 -2.42 2.52 -0.22
N ASN A 47 -3.19 2.84 0.79
CA ASN A 47 -3.31 1.92 1.97
C ASN A 47 -4.46 0.93 1.75
N PHE A 48 -4.16 -0.32 1.54
CA PHE A 48 -5.24 -1.34 1.33
C PHE A 48 -5.67 -1.93 2.68
N THR A 49 -6.94 -2.20 2.83
CA THR A 49 -7.43 -2.79 4.12
C THR A 49 -7.30 -4.31 4.09
N SER A 50 -7.40 -4.91 2.93
CA SER A 50 -7.28 -6.39 2.81
C SER A 50 -6.38 -6.75 1.62
N LYS A 51 -6.45 -7.99 1.19
CA LYS A 51 -5.61 -8.42 0.03
C LYS A 51 -6.42 -8.37 -1.27
N GLN A 52 -7.70 -8.66 -1.18
CA GLN A 52 -8.56 -8.63 -2.41
C GLN A 52 -8.58 -7.21 -2.99
N GLU A 53 -8.45 -6.21 -2.16
CA GLU A 53 -8.47 -4.81 -2.66
C GLU A 53 -7.10 -4.45 -3.25
N CYS A 54 -6.05 -5.00 -2.71
CA CYS A 54 -4.68 -4.70 -3.23
C CYS A 54 -4.56 -5.23 -4.68
N LEU A 55 -5.15 -6.36 -4.95
CA LEU A 55 -5.10 -6.94 -6.33
C LEU A 55 -6.10 -6.22 -7.23
N ARG A 56 -7.33 -6.10 -6.78
CA ARG A 56 -8.37 -5.42 -7.61
C ARG A 56 -8.01 -3.94 -7.83
N ALA A 57 -7.09 -3.40 -7.06
CA ALA A 57 -6.70 -1.97 -7.23
C ALA A 57 -5.45 -1.84 -8.12
N CYS A 58 -4.32 -2.30 -7.65
CA CYS A 58 -3.07 -2.20 -8.48
C CYS A 58 -3.01 -3.34 -9.49
N LYS A 59 -3.47 -4.51 -9.11
CA LYS A 59 -3.43 -5.67 -10.05
C LYS A 59 -4.74 -5.74 -10.87
N LYS A 60 -5.24 -4.62 -11.33
CA LYS A 60 -6.50 -4.63 -12.14
C LYS A 60 -6.22 -5.12 -13.56
N GLY A 61 -6.33 -6.41 -13.78
CA GLY A 61 -6.07 -6.98 -15.14
C GLY A 61 -4.57 -7.19 -15.31
N GLU A 1 1.85 9.40 -15.47
CA GLU A 1 1.19 9.18 -16.79
C GLU A 1 2.03 8.22 -17.63
N PHE A 2 1.77 6.94 -17.52
CA PHE A 2 2.54 5.94 -18.33
C PHE A 2 1.62 4.82 -18.80
N HIS A 3 0.80 4.29 -17.93
CA HIS A 3 -0.12 3.19 -18.31
C HIS A 3 -1.17 2.97 -17.21
N GLY A 4 -0.73 2.72 -16.01
CA GLY A 4 -1.70 2.50 -14.89
C GLY A 4 -1.62 3.69 -13.91
N PRO A 5 -2.40 3.64 -12.84
CA PRO A 5 -2.39 4.76 -11.87
C PRO A 5 -1.00 4.91 -11.23
N SER A 6 -0.74 6.03 -10.60
CA SER A 6 0.58 6.25 -9.96
C SER A 6 0.42 6.47 -8.45
N TRP A 7 -0.50 5.76 -7.84
CA TRP A 7 -0.71 5.93 -6.37
C TRP A 7 -0.67 4.58 -5.63
N CYS A 8 -0.74 3.48 -6.34
CA CYS A 8 -0.66 2.14 -5.66
C CYS A 8 0.79 1.60 -5.71
N LEU A 9 1.69 2.34 -6.32
CA LEU A 9 3.12 1.90 -6.40
C LEU A 9 3.95 2.69 -5.37
N THR A 10 3.50 3.87 -5.02
CA THR A 10 4.23 4.73 -4.03
C THR A 10 4.69 3.92 -2.80
N PRO A 11 5.78 4.34 -2.16
CA PRO A 11 6.28 3.60 -0.97
C PRO A 11 5.20 3.55 0.12
N ALA A 12 5.22 2.53 0.94
CA ALA A 12 4.19 2.42 2.03
C ALA A 12 4.50 3.39 3.17
N ASP A 13 3.63 4.33 3.41
CA ASP A 13 3.86 5.31 4.51
C ASP A 13 3.60 4.64 5.86
N ARG A 14 4.62 4.48 6.66
CA ARG A 14 4.44 3.81 7.99
C ARG A 14 5.34 4.47 9.05
N GLY A 15 5.43 5.77 9.04
CA GLY A 15 6.28 6.47 10.05
C GLY A 15 5.68 7.85 10.37
N LEU A 16 5.07 7.99 11.53
CA LEU A 16 4.47 9.30 11.91
C LEU A 16 4.09 9.31 13.40
N CYS A 17 3.06 8.58 13.76
CA CYS A 17 2.63 8.55 15.20
C CYS A 17 3.02 7.22 15.86
N ARG A 18 3.98 6.53 15.31
CA ARG A 18 4.42 5.21 15.90
C ARG A 18 3.23 4.26 16.10
N ALA A 19 2.39 4.12 15.10
CA ALA A 19 1.22 3.21 15.23
C ALA A 19 1.52 1.86 14.57
N ASN A 20 1.40 0.79 15.32
CA ASN A 20 1.69 -0.57 14.76
C ASN A 20 0.42 -1.15 14.12
N GLU A 21 -0.04 -0.56 13.05
CA GLU A 21 -1.28 -1.07 12.36
C GLU A 21 -0.92 -2.31 11.53
N ASN A 22 -1.75 -2.65 10.57
CA ASN A 22 -1.46 -3.85 9.72
C ASN A 22 -2.11 -3.68 8.33
N ARG A 23 -1.63 -2.73 7.56
CA ARG A 23 -2.22 -2.51 6.21
C ARG A 23 -1.48 -3.35 5.16
N PHE A 24 -2.14 -3.69 4.07
CA PHE A 24 -1.49 -4.50 3.01
C PHE A 24 -0.83 -3.60 1.96
N TYR A 25 0.48 -3.56 1.95
CA TYR A 25 1.20 -2.70 0.96
C TYR A 25 1.52 -3.50 -0.32
N TYR A 26 1.22 -2.95 -1.47
CA TYR A 26 1.50 -3.66 -2.75
C TYR A 26 3.00 -3.55 -3.08
N ASN A 27 3.72 -4.64 -3.00
CA ASN A 27 5.18 -4.60 -3.30
C ASN A 27 5.39 -4.44 -4.81
N SER A 28 5.98 -3.35 -5.22
CA SER A 28 6.22 -3.13 -6.68
C SER A 28 7.42 -3.94 -7.18
N VAL A 29 8.08 -4.67 -6.31
CA VAL A 29 9.26 -5.49 -6.75
C VAL A 29 8.79 -6.91 -7.06
N ILE A 30 8.18 -7.56 -6.10
CA ILE A 30 7.69 -8.95 -6.34
C ILE A 30 6.24 -8.91 -6.86
N GLY A 31 5.41 -8.06 -6.32
CA GLY A 31 3.99 -7.96 -6.79
C GLY A 31 3.07 -8.36 -5.63
N LYS A 32 3.50 -9.32 -4.86
CA LYS A 32 2.69 -9.78 -3.69
C LYS A 32 2.45 -8.60 -2.73
N CYS A 33 1.27 -8.51 -2.17
CA CYS A 33 0.97 -7.41 -1.21
C CYS A 33 1.49 -7.79 0.18
N ARG A 34 2.57 -7.17 0.61
CA ARG A 34 3.15 -7.51 1.94
C ARG A 34 2.55 -6.61 3.03
N PRO A 35 1.92 -7.19 4.05
CA PRO A 35 1.33 -6.38 5.14
C PRO A 35 2.44 -5.63 5.91
N PHE A 36 2.17 -4.40 6.29
CA PHE A 36 3.19 -3.62 7.06
C PHE A 36 2.51 -2.86 8.21
N LYS A 37 3.29 -2.33 9.12
CA LYS A 37 2.68 -1.58 10.26
C LYS A 37 2.40 -0.14 9.86
N TYR A 38 1.24 0.11 9.29
CA TYR A 38 0.89 1.50 8.87
C TYR A 38 0.80 2.42 10.10
N SER A 39 1.07 3.68 9.92
CA SER A 39 1.00 4.64 11.07
C SER A 39 -0.47 4.98 11.37
N GLY A 40 -0.69 5.97 12.20
CA GLY A 40 -2.09 6.36 12.54
C GLY A 40 -2.28 7.86 12.36
N CYS A 41 -1.52 8.46 11.47
CA CYS A 41 -1.64 9.93 11.24
C CYS A 41 -1.35 10.25 9.77
N GLY A 42 -2.32 10.81 9.07
CA GLY A 42 -2.10 11.14 7.62
C GLY A 42 -1.81 9.87 6.83
N GLY A 43 -0.62 9.73 6.33
CA GLY A 43 -0.26 8.52 5.54
C GLY A 43 -0.54 8.77 4.05
N ASN A 44 -0.18 7.83 3.20
CA ASN A 44 -0.43 8.00 1.74
C ASN A 44 -1.81 7.46 1.36
N GLU A 45 -2.03 7.24 0.09
CA GLU A 45 -3.36 6.71 -0.35
C GLU A 45 -3.23 5.25 -0.81
N ASN A 46 -2.23 4.55 -0.35
CA ASN A 46 -2.07 3.13 -0.76
C ASN A 46 -2.23 2.21 0.46
N ASN A 47 -3.07 2.62 1.39
CA ASN A 47 -3.29 1.79 2.62
C ASN A 47 -4.46 0.83 2.39
N PHE A 48 -4.17 -0.37 1.93
CA PHE A 48 -5.25 -1.37 1.68
C PHE A 48 -5.58 -2.11 2.98
N THR A 49 -6.78 -2.64 3.07
CA THR A 49 -7.18 -3.39 4.31
C THR A 49 -7.18 -4.90 4.03
N SER A 50 -7.31 -5.30 2.79
CA SER A 50 -7.33 -6.75 2.46
C SER A 50 -6.48 -7.02 1.21
N LYS A 51 -6.33 -8.26 0.84
CA LYS A 51 -5.52 -8.60 -0.36
C LYS A 51 -6.39 -8.51 -1.62
N GLN A 52 -7.63 -8.89 -1.52
CA GLN A 52 -8.55 -8.82 -2.71
C GLN A 52 -8.63 -7.38 -3.23
N GLU A 53 -8.44 -6.42 -2.37
CA GLU A 53 -8.49 -4.99 -2.81
C GLU A 53 -7.12 -4.55 -3.31
N CYS A 54 -6.07 -5.05 -2.70
CA CYS A 54 -4.69 -4.67 -3.14
C CYS A 54 -4.48 -5.07 -4.61
N LEU A 55 -4.92 -6.24 -4.97
CA LEU A 55 -4.76 -6.69 -6.38
C LEU A 55 -5.84 -6.05 -7.26
N ARG A 56 -7.08 -6.14 -6.86
CA ARG A 56 -8.18 -5.53 -7.66
C ARG A 56 -7.93 -4.04 -7.94
N ALA A 57 -7.08 -3.41 -7.17
CA ALA A 57 -6.81 -1.95 -7.38
C ALA A 57 -5.54 -1.71 -8.21
N CYS A 58 -4.39 -2.12 -7.74
CA CYS A 58 -3.13 -1.87 -8.51
C CYS A 58 -2.91 -2.91 -9.61
N LYS A 59 -3.35 -4.12 -9.41
CA LYS A 59 -3.15 -5.16 -10.48
C LYS A 59 -4.31 -5.10 -11.48
N LYS A 60 -5.46 -4.59 -11.08
CA LYS A 60 -6.63 -4.50 -12.01
C LYS A 60 -6.93 -5.87 -12.64
N GLY A 61 -7.37 -6.82 -11.85
CA GLY A 61 -7.68 -8.17 -12.38
C GLY A 61 -8.57 -8.92 -11.40
N GLU A 1 10.47 6.53 -17.75
CA GLU A 1 10.42 5.77 -16.46
C GLU A 1 9.11 4.97 -16.39
N PHE A 2 8.01 5.64 -16.16
CA PHE A 2 6.69 4.93 -16.07
C PHE A 2 5.55 5.95 -15.98
N HIS A 3 4.38 5.57 -16.44
CA HIS A 3 3.22 6.51 -16.40
C HIS A 3 2.13 5.96 -15.48
N GLY A 4 1.53 6.80 -14.68
CA GLY A 4 0.45 6.34 -13.75
C GLY A 4 0.36 7.29 -12.54
N PRO A 5 -0.63 7.09 -11.69
CA PRO A 5 -0.78 7.97 -10.50
C PRO A 5 0.45 7.88 -9.60
N SER A 6 0.30 8.25 -8.36
CA SER A 6 1.47 8.19 -7.42
C SER A 6 1.08 7.48 -6.12
N TRP A 7 0.27 6.44 -6.21
CA TRP A 7 -0.14 5.72 -4.97
C TRP A 7 -0.45 4.25 -5.27
N CYS A 8 0.14 3.68 -6.28
CA CYS A 8 -0.12 2.24 -6.57
C CYS A 8 1.14 1.42 -6.26
N LEU A 9 2.29 2.01 -6.42
CA LEU A 9 3.56 1.27 -6.11
C LEU A 9 4.40 2.07 -5.09
N THR A 10 3.80 3.02 -4.42
CA THR A 10 4.55 3.82 -3.41
C THR A 10 5.05 2.91 -2.28
N PRO A 11 6.20 3.22 -1.69
CA PRO A 11 6.74 2.38 -0.60
C PRO A 11 5.76 2.30 0.57
N ALA A 12 5.97 1.38 1.47
CA ALA A 12 5.06 1.23 2.64
C ALA A 12 5.24 2.41 3.61
N ASP A 13 4.37 3.38 3.54
CA ASP A 13 4.49 4.56 4.45
C ASP A 13 4.03 4.18 5.86
N ARG A 14 4.88 4.35 6.84
CA ARG A 14 4.50 4.00 8.24
C ARG A 14 3.40 4.95 8.75
N GLY A 15 3.74 6.18 9.03
CA GLY A 15 2.72 7.15 9.52
C GLY A 15 3.21 7.79 10.83
N LEU A 16 2.37 8.52 11.54
CA LEU A 16 2.83 9.17 12.81
C LEU A 16 1.67 9.45 13.79
N CYS A 17 1.00 8.42 14.26
CA CYS A 17 -0.12 8.66 15.24
C CYS A 17 -0.20 7.49 16.24
N ARG A 18 0.91 6.83 16.49
CA ARG A 18 0.93 5.69 17.45
C ARG A 18 -0.24 4.71 17.22
N ALA A 19 -0.13 3.87 16.23
CA ALA A 19 -1.21 2.88 15.95
C ALA A 19 -0.62 1.70 15.16
N ASN A 20 -0.58 0.54 15.78
CA ASN A 20 -0.01 -0.66 15.09
C ASN A 20 -1.08 -1.35 14.24
N GLU A 21 -1.31 -0.86 13.05
CA GLU A 21 -2.33 -1.50 12.16
C GLU A 21 -1.66 -2.56 11.28
N ASN A 22 -2.35 -3.01 10.25
CA ASN A 22 -1.76 -4.04 9.35
C ASN A 22 -2.31 -3.85 7.93
N ARG A 23 -1.83 -2.86 7.23
CA ARG A 23 -2.31 -2.61 5.84
C ARG A 23 -1.47 -3.40 4.83
N PHE A 24 -2.02 -3.67 3.68
CA PHE A 24 -1.26 -4.45 2.65
C PHE A 24 -0.50 -3.51 1.71
N TYR A 25 0.81 -3.51 1.79
CA TYR A 25 1.64 -2.63 0.92
C TYR A 25 1.97 -3.37 -0.38
N TYR A 26 1.51 -2.86 -1.50
CA TYR A 26 1.80 -3.52 -2.81
C TYR A 26 3.31 -3.46 -3.10
N ASN A 27 3.92 -4.59 -3.32
CA ASN A 27 5.39 -4.60 -3.60
C ASN A 27 5.63 -4.45 -5.11
N SER A 28 6.35 -3.44 -5.50
CA SER A 28 6.63 -3.22 -6.95
C SER A 28 7.71 -4.18 -7.47
N VAL A 29 8.27 -5.01 -6.60
CA VAL A 29 9.33 -5.96 -7.06
C VAL A 29 8.73 -7.37 -7.16
N ILE A 30 8.22 -7.89 -6.08
CA ILE A 30 7.62 -9.27 -6.12
C ILE A 30 6.17 -9.20 -6.59
N GLY A 31 5.49 -8.11 -6.32
CA GLY A 31 4.08 -7.96 -6.77
C GLY A 31 3.12 -8.34 -5.64
N LYS A 32 3.46 -9.32 -4.85
CA LYS A 32 2.56 -9.73 -3.73
C LYS A 32 2.43 -8.61 -2.69
N CYS A 33 1.22 -8.34 -2.25
CA CYS A 33 1.02 -7.25 -1.24
C CYS A 33 1.57 -7.70 0.13
N ARG A 34 2.62 -7.07 0.58
CA ARG A 34 3.22 -7.45 1.90
C ARG A 34 2.57 -6.62 3.03
N PRO A 35 1.84 -7.26 3.95
CA PRO A 35 1.19 -6.50 5.04
C PRO A 35 2.23 -5.77 5.90
N PHE A 36 2.00 -4.52 6.19
CA PHE A 36 2.96 -3.74 7.03
C PHE A 36 2.19 -3.02 8.15
N LYS A 37 2.89 -2.43 9.09
CA LYS A 37 2.19 -1.72 10.20
C LYS A 37 1.95 -0.25 9.83
N TYR A 38 0.71 0.09 9.62
CA TYR A 38 0.35 1.49 9.23
C TYR A 38 0.07 2.33 10.49
N SER A 39 0.40 3.60 10.45
CA SER A 39 0.14 4.48 11.64
C SER A 39 -1.15 5.27 11.42
N GLY A 40 -1.26 6.00 10.32
CA GLY A 40 -2.51 6.77 10.06
C GLY A 40 -2.23 8.24 9.74
N CYS A 41 -1.52 8.93 10.58
CA CYS A 41 -1.24 10.38 10.32
C CYS A 41 0.11 10.55 9.62
N GLY A 42 0.09 10.92 8.36
CA GLY A 42 1.36 11.13 7.61
C GLY A 42 1.52 10.05 6.54
N GLY A 43 0.95 8.89 6.77
CA GLY A 43 1.07 7.79 5.76
C GLY A 43 0.40 8.22 4.46
N ASN A 44 0.59 7.48 3.40
CA ASN A 44 -0.02 7.84 2.10
C ASN A 44 -1.51 7.44 2.08
N GLU A 45 -2.11 7.43 0.92
CA GLU A 45 -3.55 7.06 0.82
C GLU A 45 -3.72 5.69 0.16
N ASN A 46 -2.65 4.95 -0.02
CA ASN A 46 -2.77 3.60 -0.65
C ASN A 46 -2.76 2.52 0.43
N ASN A 47 -3.49 2.73 1.49
CA ASN A 47 -3.53 1.73 2.60
C ASN A 47 -4.63 0.70 2.34
N PHE A 48 -4.25 -0.50 1.96
CA PHE A 48 -5.27 -1.55 1.67
C PHE A 48 -5.57 -2.33 2.95
N THR A 49 -6.81 -2.30 3.40
CA THR A 49 -7.18 -3.04 4.65
C THR A 49 -7.11 -4.55 4.42
N SER A 50 -7.34 -4.99 3.20
CA SER A 50 -7.30 -6.45 2.91
C SER A 50 -6.40 -6.72 1.70
N LYS A 51 -6.32 -7.96 1.29
CA LYS A 51 -5.45 -8.30 0.11
C LYS A 51 -6.30 -8.36 -1.17
N GLN A 52 -7.55 -8.74 -1.06
CA GLN A 52 -8.42 -8.82 -2.27
C GLN A 52 -8.53 -7.44 -2.92
N GLU A 53 -8.49 -6.40 -2.12
CA GLU A 53 -8.58 -5.02 -2.69
C GLU A 53 -7.21 -4.56 -3.17
N CYS A 54 -6.16 -4.98 -2.50
CA CYS A 54 -4.78 -4.58 -2.92
C CYS A 54 -4.53 -4.99 -4.38
N LEU A 55 -4.89 -6.20 -4.72
CA LEU A 55 -4.69 -6.68 -6.12
C LEU A 55 -5.76 -6.08 -7.04
N ARG A 56 -7.00 -6.09 -6.61
CA ARG A 56 -8.09 -5.53 -7.46
C ARG A 56 -7.86 -4.04 -7.76
N ALA A 57 -7.00 -3.38 -7.01
CA ALA A 57 -6.75 -1.94 -7.26
C ALA A 57 -5.53 -1.73 -8.18
N CYS A 58 -4.38 -2.19 -7.77
CA CYS A 58 -3.16 -2.01 -8.61
C CYS A 58 -3.07 -3.07 -9.71
N LYS A 59 -3.38 -4.30 -9.40
CA LYS A 59 -3.31 -5.37 -10.46
C LYS A 59 -4.59 -5.33 -11.30
N LYS A 60 -5.73 -5.13 -10.65
CA LYS A 60 -7.03 -5.07 -11.39
C LYS A 60 -7.20 -6.29 -12.30
N GLY A 61 -7.93 -7.28 -11.85
CA GLY A 61 -8.15 -8.49 -12.68
C GLY A 61 -6.89 -9.36 -12.66
N GLU A 1 6.21 8.32 -14.85
CA GLU A 1 7.14 7.60 -13.92
C GLU A 1 7.23 6.13 -14.30
N PHE A 2 6.16 5.39 -14.12
CA PHE A 2 6.19 3.93 -14.47
C PHE A 2 4.93 3.56 -15.26
N HIS A 3 4.79 2.31 -15.62
CA HIS A 3 3.60 1.87 -16.39
C HIS A 3 2.45 1.52 -15.43
N GLY A 4 1.56 2.46 -15.21
CA GLY A 4 0.41 2.20 -14.29
C GLY A 4 0.03 3.50 -13.57
N PRO A 5 -0.74 3.39 -12.49
CA PRO A 5 -1.14 4.60 -11.74
C PRO A 5 0.09 5.32 -11.16
N SER A 6 -0.13 6.24 -10.26
CA SER A 6 1.03 6.97 -9.65
C SER A 6 0.96 6.89 -8.13
N TRP A 7 0.42 5.82 -7.61
CA TRP A 7 0.32 5.66 -6.13
C TRP A 7 0.38 4.18 -5.74
N CYS A 8 0.94 3.34 -6.58
CA CYS A 8 1.03 1.88 -6.26
C CYS A 8 2.49 1.50 -6.00
N LEU A 9 3.38 1.99 -6.82
CA LEU A 9 4.84 1.66 -6.63
C LEU A 9 5.44 2.53 -5.52
N THR A 10 4.76 3.59 -5.12
CA THR A 10 5.30 4.48 -4.04
C THR A 10 5.68 3.65 -2.79
N PRO A 11 6.66 4.10 -2.02
CA PRO A 11 7.08 3.35 -0.81
C PRO A 11 5.91 3.25 0.18
N ALA A 12 5.93 2.27 1.04
CA ALA A 12 4.83 2.11 2.04
C ALA A 12 4.85 3.27 3.02
N ASP A 13 4.02 4.27 2.80
CA ASP A 13 3.99 5.44 3.71
C ASP A 13 3.33 5.06 5.04
N ARG A 14 4.02 5.22 6.13
CA ARG A 14 3.44 4.87 7.47
C ARG A 14 2.49 5.95 7.94
N GLY A 15 2.99 7.15 8.13
CA GLY A 15 2.10 8.27 8.59
C GLY A 15 2.89 9.18 9.55
N LEU A 16 2.36 9.43 10.71
CA LEU A 16 3.07 10.31 11.69
C LEU A 16 2.53 10.08 13.10
N CYS A 17 2.04 8.89 13.37
CA CYS A 17 1.50 8.59 14.74
C CYS A 17 2.11 7.29 15.27
N ARG A 18 1.58 6.77 16.34
CA ARG A 18 2.13 5.52 16.93
C ARG A 18 1.07 4.41 16.88
N ALA A 19 0.37 4.28 15.79
CA ALA A 19 -0.67 3.22 15.68
C ALA A 19 -0.07 1.94 15.09
N ASN A 20 -0.13 0.86 15.83
CA ASN A 20 0.44 -0.42 15.34
C ASN A 20 -0.59 -1.17 14.48
N GLU A 21 -0.89 -0.66 13.31
CA GLU A 21 -1.88 -1.33 12.42
C GLU A 21 -1.20 -2.34 11.51
N ASN A 22 -1.94 -2.90 10.60
CA ASN A 22 -1.35 -3.91 9.65
C ASN A 22 -1.99 -3.75 8.26
N ARG A 23 -1.54 -2.79 7.51
CA ARG A 23 -2.13 -2.55 6.15
C ARG A 23 -1.37 -3.37 5.10
N PHE A 24 -2.01 -3.68 4.00
CA PHE A 24 -1.34 -4.47 2.92
C PHE A 24 -0.67 -3.55 1.90
N TYR A 25 0.64 -3.45 1.94
CA TYR A 25 1.37 -2.57 0.97
C TYR A 25 1.75 -3.38 -0.29
N TYR A 26 1.52 -2.83 -1.44
CA TYR A 26 1.86 -3.55 -2.71
C TYR A 26 3.37 -3.50 -2.95
N ASN A 27 4.04 -4.62 -2.84
CA ASN A 27 5.52 -4.65 -3.05
C ASN A 27 5.83 -4.69 -4.54
N SER A 28 6.68 -3.79 -5.00
CA SER A 28 7.04 -3.76 -6.46
C SER A 28 8.15 -4.79 -6.75
N VAL A 29 8.59 -5.55 -5.78
CA VAL A 29 9.66 -6.55 -6.02
C VAL A 29 9.04 -7.94 -6.19
N ILE A 30 8.21 -8.35 -5.27
CA ILE A 30 7.56 -9.69 -5.38
C ILE A 30 6.24 -9.57 -6.14
N GLY A 31 5.54 -8.47 -6.00
CA GLY A 31 4.26 -8.28 -6.74
C GLY A 31 3.06 -8.36 -5.80
N LYS A 32 3.06 -9.30 -4.90
CA LYS A 32 1.90 -9.43 -3.96
C LYS A 32 1.91 -8.32 -2.92
N CYS A 33 0.84 -8.17 -2.18
CA CYS A 33 0.77 -7.09 -1.15
C CYS A 33 1.30 -7.61 0.20
N ARG A 34 2.42 -7.10 0.65
CA ARG A 34 3.00 -7.55 1.94
C ARG A 34 2.44 -6.67 3.10
N PRO A 35 1.84 -7.29 4.11
CA PRO A 35 1.28 -6.49 5.24
C PRO A 35 2.40 -5.75 5.99
N PHE A 36 2.19 -4.48 6.24
CA PHE A 36 3.22 -3.69 6.98
C PHE A 36 2.57 -2.95 8.16
N LYS A 37 3.36 -2.37 9.04
CA LYS A 37 2.77 -1.65 10.19
C LYS A 37 2.44 -0.20 9.80
N TYR A 38 1.19 0.08 9.56
CA TYR A 38 0.78 1.46 9.17
C TYR A 38 0.47 2.29 10.42
N SER A 39 0.60 3.59 10.31
CA SER A 39 0.31 4.46 11.49
C SER A 39 -1.11 5.04 11.37
N GLY A 40 -1.49 5.90 12.27
CA GLY A 40 -2.86 6.48 12.22
C GLY A 40 -2.84 7.76 11.39
N CYS A 41 -2.59 8.88 12.01
CA CYS A 41 -2.56 10.18 11.27
C CYS A 41 -1.54 10.14 10.12
N GLY A 42 -1.74 10.92 9.10
CA GLY A 42 -0.78 10.94 7.96
C GLY A 42 -0.91 9.65 7.14
N GLY A 43 -0.12 9.50 6.12
CA GLY A 43 -0.19 8.27 5.27
C GLY A 43 -0.62 8.65 3.86
N ASN A 44 -0.25 7.85 2.88
CA ASN A 44 -0.65 8.16 1.47
C ASN A 44 -2.01 7.53 1.16
N GLU A 45 -2.36 7.43 -0.10
CA GLU A 45 -3.68 6.84 -0.48
C GLU A 45 -3.50 5.42 -1.02
N ASN A 46 -2.41 4.77 -0.68
CA ASN A 46 -2.17 3.38 -1.19
C ASN A 46 -2.23 2.38 -0.03
N ASN A 47 -2.93 2.72 1.02
CA ASN A 47 -3.03 1.79 2.19
C ASN A 47 -4.26 0.89 2.03
N PHE A 48 -4.05 -0.35 1.64
CA PHE A 48 -5.20 -1.29 1.46
C PHE A 48 -5.51 -2.01 2.77
N THR A 49 -6.76 -2.35 2.99
CA THR A 49 -7.14 -3.07 4.24
C THR A 49 -7.31 -4.58 3.97
N SER A 50 -6.80 -5.06 2.86
CA SER A 50 -6.93 -6.52 2.55
C SER A 50 -6.05 -6.87 1.34
N LYS A 51 -6.24 -8.04 0.79
CA LYS A 51 -5.41 -8.46 -0.38
C LYS A 51 -6.27 -8.46 -1.66
N GLN A 52 -7.55 -8.73 -1.52
CA GLN A 52 -8.44 -8.74 -2.71
C GLN A 52 -8.52 -7.36 -3.35
N GLU A 53 -8.65 -6.33 -2.55
CA GLU A 53 -8.74 -4.94 -3.09
C GLU A 53 -7.33 -4.43 -3.44
N CYS A 54 -6.33 -4.86 -2.72
CA CYS A 54 -4.94 -4.40 -3.00
C CYS A 54 -4.50 -4.85 -4.40
N LEU A 55 -4.83 -6.06 -4.78
CA LEU A 55 -4.43 -6.57 -6.13
C LEU A 55 -5.48 -6.20 -7.18
N ARG A 56 -6.73 -6.44 -6.89
CA ARG A 56 -7.82 -6.10 -7.86
C ARG A 56 -7.80 -4.61 -8.22
N ALA A 57 -7.24 -3.80 -7.36
CA ALA A 57 -7.19 -2.33 -7.64
C ALA A 57 -5.83 -1.93 -8.23
N CYS A 58 -4.76 -2.25 -7.54
CA CYS A 58 -3.40 -1.90 -8.05
C CYS A 58 -3.08 -2.71 -9.31
N LYS A 59 -3.20 -4.01 -9.25
CA LYS A 59 -2.89 -4.86 -10.44
C LYS A 59 -3.84 -4.50 -11.59
N LYS A 60 -5.11 -4.27 -11.30
CA LYS A 60 -6.09 -3.91 -12.36
C LYS A 60 -6.07 -4.96 -13.50
N GLY A 61 -6.73 -6.07 -13.29
CA GLY A 61 -6.76 -7.14 -14.34
C GLY A 61 -5.92 -8.33 -13.88
N GLU A 1 10.21 5.55 -17.92
CA GLU A 1 10.37 4.35 -17.04
C GLU A 1 9.09 4.10 -16.25
N PHE A 2 8.38 5.15 -15.88
CA PHE A 2 7.12 4.97 -15.10
C PHE A 2 6.01 4.45 -16.01
N HIS A 3 5.48 5.29 -16.87
CA HIS A 3 4.38 4.86 -17.81
C HIS A 3 3.22 4.23 -17.02
N GLY A 4 2.34 5.05 -16.51
CA GLY A 4 1.19 4.51 -15.73
C GLY A 4 0.97 5.36 -14.47
N PRO A 5 0.11 4.91 -13.57
CA PRO A 5 -0.14 5.69 -12.32
C PRO A 5 1.15 5.80 -11.50
N SER A 6 1.12 6.56 -10.44
CA SER A 6 2.34 6.71 -9.59
C SER A 6 1.96 6.72 -8.11
N TRP A 7 0.93 6.00 -7.75
CA TRP A 7 0.51 5.96 -6.32
C TRP A 7 0.58 4.52 -5.76
N CYS A 8 0.79 3.54 -6.63
CA CYS A 8 0.87 2.13 -6.14
C CYS A 8 2.35 1.69 -6.09
N LEU A 9 3.16 2.22 -6.96
CA LEU A 9 4.60 1.84 -6.97
C LEU A 9 5.37 2.59 -5.87
N THR A 10 4.76 3.58 -5.26
CA THR A 10 5.47 4.34 -4.18
C THR A 10 5.73 3.42 -2.97
N PRO A 11 6.81 3.67 -2.23
CA PRO A 11 7.11 2.82 -1.05
C PRO A 11 5.99 2.92 -0.02
N ALA A 12 6.09 2.16 1.05
CA ALA A 12 5.02 2.21 2.11
C ALA A 12 5.38 3.26 3.17
N ASP A 13 4.52 4.23 3.37
CA ASP A 13 4.80 5.28 4.39
C ASP A 13 4.47 4.77 5.79
N ARG A 14 5.47 4.31 6.51
CA ARG A 14 5.22 3.77 7.88
C ARG A 14 5.88 4.67 8.93
N GLY A 15 5.92 5.96 8.69
CA GLY A 15 6.55 6.89 9.66
C GLY A 15 5.52 7.90 10.18
N LEU A 16 5.94 9.13 10.41
CA LEU A 16 4.99 10.17 10.94
C LEU A 16 4.31 9.64 12.22
N CYS A 17 3.06 9.19 12.16
CA CYS A 17 2.40 8.65 13.38
C CYS A 17 3.07 7.30 13.73
N ARG A 18 2.84 6.75 14.90
CA ARG A 18 3.50 5.46 15.26
C ARG A 18 2.53 4.46 15.88
N ALA A 19 1.73 3.78 15.07
CA ALA A 19 0.79 2.77 15.62
C ALA A 19 1.08 1.39 15.02
N ASN A 20 0.77 0.34 15.74
CA ASN A 20 1.02 -1.03 15.21
C ASN A 20 -0.18 -1.52 14.40
N GLU A 21 -0.39 -0.98 13.23
CA GLU A 21 -1.56 -1.41 12.39
C GLU A 21 -1.17 -2.62 11.52
N ASN A 22 -1.83 -2.80 10.41
CA ASN A 22 -1.49 -3.95 9.51
C ASN A 22 -2.09 -3.71 8.12
N ARG A 23 -1.61 -2.71 7.42
CA ARG A 23 -2.15 -2.41 6.07
C ARG A 23 -1.43 -3.25 5.01
N PHE A 24 -2.07 -3.49 3.90
CA PHE A 24 -1.43 -4.30 2.82
C PHE A 24 -0.69 -3.38 1.83
N TYR A 25 0.61 -3.32 1.92
CA TYR A 25 1.39 -2.45 0.99
C TYR A 25 1.70 -3.23 -0.29
N TYR A 26 1.62 -2.59 -1.42
CA TYR A 26 1.91 -3.29 -2.71
C TYR A 26 3.43 -3.37 -2.93
N ASN A 27 3.96 -4.56 -3.02
CA ASN A 27 5.43 -4.72 -3.22
C ASN A 27 5.75 -4.72 -4.72
N SER A 28 6.51 -3.75 -5.17
CA SER A 28 6.86 -3.68 -6.62
C SER A 28 8.01 -4.65 -6.97
N VAL A 29 8.49 -5.41 -6.02
CA VAL A 29 9.60 -6.36 -6.31
C VAL A 29 9.04 -7.78 -6.50
N ILE A 30 8.25 -8.24 -5.57
CA ILE A 30 7.67 -9.61 -5.70
C ILE A 30 6.31 -9.56 -6.42
N GLY A 31 5.54 -8.52 -6.20
CA GLY A 31 4.22 -8.41 -6.91
C GLY A 31 3.06 -8.44 -5.93
N LYS A 32 3.06 -9.35 -4.99
CA LYS A 32 1.93 -9.43 -4.01
C LYS A 32 2.02 -8.30 -2.99
N CYS A 33 0.96 -8.07 -2.26
CA CYS A 33 0.98 -6.97 -1.24
C CYS A 33 1.47 -7.50 0.10
N ARG A 34 2.56 -6.98 0.59
CA ARG A 34 3.10 -7.44 1.89
C ARG A 34 2.50 -6.59 3.04
N PRO A 35 1.83 -7.22 4.00
CA PRO A 35 1.24 -6.44 5.12
C PRO A 35 2.34 -5.74 5.91
N PHE A 36 2.14 -4.48 6.22
CA PHE A 36 3.17 -3.74 7.01
C PHE A 36 2.48 -2.97 8.15
N LYS A 37 3.09 -2.89 9.29
CA LYS A 37 2.47 -2.16 10.44
C LYS A 37 2.37 -0.68 10.09
N TYR A 38 1.35 -0.32 9.35
CA TYR A 38 1.17 1.11 8.97
C TYR A 38 0.99 1.97 10.22
N SER A 39 1.28 3.24 10.09
CA SER A 39 1.12 4.16 11.25
C SER A 39 -0.37 4.48 11.43
N GLY A 40 -0.70 5.46 12.22
CA GLY A 40 -2.15 5.77 12.46
C GLY A 40 -2.61 6.99 11.66
N CYS A 41 -1.72 7.70 11.00
CA CYS A 41 -2.19 8.91 10.22
C CYS A 41 -1.10 9.48 9.30
N GLY A 42 -1.52 10.09 8.22
CA GLY A 42 -0.55 10.72 7.26
C GLY A 42 0.06 9.66 6.34
N GLY A 43 0.93 10.08 5.47
CA GLY A 43 1.60 9.13 4.53
C GLY A 43 0.96 9.24 3.14
N ASN A 44 1.23 8.27 2.27
CA ASN A 44 0.63 8.31 0.91
C ASN A 44 -0.84 7.86 0.99
N GLU A 45 -1.39 7.41 -0.10
CA GLU A 45 -2.80 6.94 -0.08
C GLU A 45 -2.90 5.52 -0.65
N ASN A 46 -1.87 4.75 -0.47
CA ASN A 46 -1.88 3.34 -1.00
C ASN A 46 -2.05 2.37 0.18
N ASN A 47 -2.75 2.79 1.20
CA ASN A 47 -2.96 1.90 2.39
C ASN A 47 -4.23 1.06 2.20
N PHE A 48 -4.08 -0.15 1.73
CA PHE A 48 -5.27 -1.03 1.51
C PHE A 48 -5.63 -1.76 2.81
N THR A 49 -6.91 -1.90 3.08
CA THR A 49 -7.34 -2.60 4.32
C THR A 49 -7.68 -4.07 4.01
N SER A 50 -7.09 -4.62 2.97
CA SER A 50 -7.38 -6.04 2.60
C SER A 50 -6.42 -6.51 1.50
N LYS A 51 -6.46 -7.76 1.15
CA LYS A 51 -5.55 -8.28 0.08
C LYS A 51 -6.31 -8.38 -1.24
N GLN A 52 -7.54 -8.84 -1.20
CA GLN A 52 -8.34 -8.97 -2.46
C GLN A 52 -8.49 -7.60 -3.14
N GLU A 53 -8.49 -6.55 -2.36
CA GLU A 53 -8.64 -5.19 -2.93
C GLU A 53 -7.28 -4.67 -3.41
N CYS A 54 -6.23 -4.99 -2.69
CA CYS A 54 -4.86 -4.53 -3.08
C CYS A 54 -4.52 -5.03 -4.49
N LEU A 55 -4.97 -6.21 -4.83
CA LEU A 55 -4.69 -6.78 -6.18
C LEU A 55 -5.72 -6.26 -7.19
N ARG A 56 -6.97 -6.23 -6.80
CA ARG A 56 -8.05 -5.76 -7.72
C ARG A 56 -7.85 -4.27 -8.07
N ALA A 57 -7.08 -3.55 -7.30
CA ALA A 57 -6.88 -2.10 -7.58
C ALA A 57 -5.54 -1.86 -8.29
N CYS A 58 -4.47 -2.42 -7.77
CA CYS A 58 -3.13 -2.20 -8.41
C CYS A 58 -2.90 -3.19 -9.55
N LYS A 59 -3.23 -4.45 -9.35
CA LYS A 59 -3.02 -5.46 -10.43
C LYS A 59 -4.18 -5.44 -11.45
N LYS A 60 -5.11 -4.52 -11.32
CA LYS A 60 -6.26 -4.46 -12.29
C LYS A 60 -6.95 -5.83 -12.41
N GLY A 61 -7.27 -6.43 -11.29
CA GLY A 61 -7.95 -7.77 -11.33
C GLY A 61 -9.43 -7.57 -11.61
N GLU A 1 9.25 8.20 -19.44
CA GLU A 1 9.33 8.15 -17.95
C GLU A 1 8.08 7.47 -17.38
N PHE A 2 8.11 7.12 -16.12
CA PHE A 2 6.93 6.46 -15.49
C PHE A 2 5.86 7.49 -15.16
N HIS A 3 4.86 7.60 -16.01
CA HIS A 3 3.77 8.59 -15.77
C HIS A 3 2.49 7.88 -15.33
N GLY A 4 2.62 6.82 -14.56
CA GLY A 4 1.41 6.08 -14.09
C GLY A 4 0.78 6.83 -12.90
N PRO A 5 -0.10 6.16 -12.16
CA PRO A 5 -0.75 6.83 -10.99
C PRO A 5 0.32 7.22 -9.96
N SER A 6 -0.06 7.96 -8.95
CA SER A 6 0.93 8.40 -7.92
C SER A 6 0.60 7.80 -6.55
N TRP A 7 0.20 6.55 -6.51
CA TRP A 7 -0.12 5.90 -5.20
C TRP A 7 -0.09 4.37 -5.32
N CYS A 8 0.61 3.84 -6.30
CA CYS A 8 0.69 2.35 -6.43
C CYS A 8 2.14 1.91 -6.17
N LEU A 9 3.09 2.78 -6.41
CA LEU A 9 4.53 2.43 -6.16
C LEU A 9 5.02 3.07 -4.85
N THR A 10 4.11 3.54 -4.02
CA THR A 10 4.53 4.18 -2.73
C THR A 10 5.17 3.13 -1.80
N PRO A 11 6.38 3.39 -1.30
CA PRO A 11 7.06 2.41 -0.40
C PRO A 11 6.33 2.33 0.96
N ALA A 12 5.09 1.91 0.97
CA ALA A 12 4.32 1.78 2.25
C ALA A 12 4.45 3.05 3.10
N ASP A 13 3.52 3.96 2.97
CA ASP A 13 3.57 5.22 3.78
C ASP A 13 3.08 4.96 5.20
N ARG A 14 3.94 5.12 6.18
CA ARG A 14 3.52 4.88 7.60
C ARG A 14 2.47 5.91 8.03
N GLY A 15 2.87 7.15 8.17
CA GLY A 15 1.90 8.21 8.59
C GLY A 15 2.67 9.39 9.19
N LEU A 16 2.54 9.60 10.46
CA LEU A 16 3.26 10.74 11.13
C LEU A 16 3.21 10.60 12.65
N CYS A 17 3.16 9.39 13.14
CA CYS A 17 3.11 9.18 14.62
C CYS A 17 3.46 7.73 14.97
N ARG A 18 3.21 7.33 16.19
CA ARG A 18 3.54 5.93 16.61
C ARG A 18 2.29 5.05 16.65
N ALA A 19 2.10 4.23 15.64
CA ALA A 19 0.91 3.33 15.61
C ALA A 19 1.25 2.07 14.81
N ASN A 20 1.26 0.93 15.45
CA ASN A 20 1.60 -0.34 14.75
C ASN A 20 0.33 -0.99 14.18
N GLU A 21 -0.09 -0.58 13.02
CA GLU A 21 -1.31 -1.19 12.41
C GLU A 21 -0.91 -2.39 11.53
N ASN A 22 -1.75 -2.77 10.59
CA ASN A 22 -1.40 -3.93 9.71
C ASN A 22 -2.07 -3.77 8.34
N ARG A 23 -1.61 -2.82 7.56
CA ARG A 23 -2.21 -2.59 6.20
C ARG A 23 -1.47 -3.43 5.15
N PHE A 24 -2.11 -3.72 4.05
CA PHE A 24 -1.43 -4.52 2.97
C PHE A 24 -0.74 -3.59 1.96
N TYR A 25 0.57 -3.56 1.97
CA TYR A 25 1.32 -2.68 1.03
C TYR A 25 1.62 -3.45 -0.28
N TYR A 26 1.43 -2.82 -1.40
CA TYR A 26 1.72 -3.48 -2.72
C TYR A 26 3.21 -3.32 -3.05
N ASN A 27 3.93 -4.41 -3.10
CA ASN A 27 5.39 -4.33 -3.44
C ASN A 27 5.58 -4.29 -4.95
N SER A 28 6.29 -3.29 -5.43
CA SER A 28 6.52 -3.17 -6.91
C SER A 28 7.68 -4.06 -7.38
N VAL A 29 8.19 -4.92 -6.55
CA VAL A 29 9.33 -5.80 -6.97
C VAL A 29 8.87 -7.26 -7.00
N ILE A 30 8.20 -7.72 -5.97
CA ILE A 30 7.72 -9.12 -5.95
C ILE A 30 6.32 -9.21 -6.56
N GLY A 31 5.51 -8.19 -6.39
CA GLY A 31 4.15 -8.21 -7.01
C GLY A 31 3.07 -8.45 -5.95
N LYS A 32 3.32 -9.30 -4.99
CA LYS A 32 2.28 -9.59 -3.96
C LYS A 32 2.20 -8.45 -2.94
N CYS A 33 1.11 -8.38 -2.20
CA CYS A 33 0.94 -7.29 -1.19
C CYS A 33 1.47 -7.74 0.18
N ARG A 34 2.57 -7.18 0.63
CA ARG A 34 3.13 -7.57 1.95
C ARG A 34 2.54 -6.66 3.06
N PRO A 35 1.94 -7.25 4.10
CA PRO A 35 1.36 -6.42 5.18
C PRO A 35 2.45 -5.64 5.92
N PHE A 36 2.15 -4.43 6.34
CA PHE A 36 3.15 -3.61 7.08
C PHE A 36 2.47 -2.86 8.23
N LYS A 37 3.24 -2.18 9.03
CA LYS A 37 2.64 -1.43 10.18
C LYS A 37 2.28 0.00 9.75
N TYR A 38 1.01 0.22 9.51
CA TYR A 38 0.56 1.59 9.10
C TYR A 38 0.20 2.43 10.33
N SER A 39 -0.01 3.70 10.15
CA SER A 39 -0.36 4.57 11.30
C SER A 39 -1.70 5.27 11.05
N GLY A 40 -2.16 6.05 12.00
CA GLY A 40 -3.46 6.76 11.82
C GLY A 40 -3.20 8.27 11.77
N CYS A 41 -2.12 8.67 11.17
CA CYS A 41 -1.80 10.14 11.08
C CYS A 41 -1.42 10.50 9.65
N GLY A 42 -2.37 10.95 8.88
CA GLY A 42 -2.07 11.33 7.46
C GLY A 42 -1.93 10.06 6.62
N GLY A 43 -0.84 9.93 5.90
CA GLY A 43 -0.63 8.72 5.05
C GLY A 43 -1.00 9.03 3.60
N ASN A 44 -0.50 8.25 2.68
CA ASN A 44 -0.82 8.49 1.24
C ASN A 44 -2.16 7.84 0.88
N GLU A 45 -2.37 7.54 -0.38
CA GLU A 45 -3.66 6.91 -0.79
C GLU A 45 -3.39 5.52 -1.40
N ASN A 46 -2.92 4.60 -0.61
CA ASN A 46 -2.63 3.22 -1.13
C ASN A 46 -2.69 2.20 0.02
N ASN A 47 -3.48 2.47 1.02
CA ASN A 47 -3.59 1.53 2.18
C ASN A 47 -4.69 0.50 1.92
N PHE A 48 -4.32 -0.72 1.61
CA PHE A 48 -5.34 -1.77 1.35
C PHE A 48 -5.70 -2.48 2.66
N THR A 49 -6.95 -2.82 2.84
CA THR A 49 -7.37 -3.51 4.09
C THR A 49 -7.39 -5.03 3.87
N SER A 50 -7.69 -5.47 2.68
CA SER A 50 -7.73 -6.93 2.39
C SER A 50 -6.85 -7.26 1.18
N LYS A 51 -6.68 -8.52 0.87
CA LYS A 51 -5.84 -8.92 -0.29
C LYS A 51 -6.60 -8.69 -1.60
N GLN A 52 -7.89 -8.95 -1.60
CA GLN A 52 -8.70 -8.75 -2.84
C GLN A 52 -8.70 -7.28 -3.24
N GLU A 53 -8.50 -6.39 -2.31
CA GLU A 53 -8.49 -4.93 -2.63
C GLU A 53 -7.13 -4.52 -3.22
N CYS A 54 -6.05 -4.94 -2.59
CA CYS A 54 -4.69 -4.57 -3.11
C CYS A 54 -4.50 -5.10 -4.53
N LEU A 55 -5.03 -6.26 -4.82
CA LEU A 55 -4.89 -6.84 -6.19
C LEU A 55 -5.84 -6.13 -7.16
N ARG A 56 -7.12 -6.15 -6.87
CA ARG A 56 -8.11 -5.47 -7.77
C ARG A 56 -7.76 -3.99 -7.98
N ALA A 57 -6.96 -3.43 -7.10
CA ALA A 57 -6.58 -1.99 -7.24
C ALA A 57 -5.37 -1.81 -8.16
N CYS A 58 -4.22 -2.31 -7.77
CA CYS A 58 -2.99 -2.13 -8.62
C CYS A 58 -2.80 -3.30 -9.60
N LYS A 59 -3.15 -4.50 -9.20
CA LYS A 59 -2.98 -5.67 -10.13
C LYS A 59 -4.06 -5.63 -11.23
N LYS A 60 -5.30 -5.51 -10.84
CA LYS A 60 -6.40 -5.46 -11.86
C LYS A 60 -6.88 -4.03 -12.06
N GLY A 61 -6.01 -3.07 -11.86
CA GLY A 61 -6.40 -1.63 -12.03
C GLY A 61 -6.57 -1.32 -13.52
N GLU A 1 8.76 6.33 -17.39
CA GLU A 1 7.43 6.66 -16.81
C GLU A 1 6.42 5.55 -17.14
N PHE A 2 5.70 5.07 -16.14
CA PHE A 2 4.70 3.99 -16.39
C PHE A 2 3.28 4.57 -16.36
N HIS A 3 2.52 4.35 -17.41
CA HIS A 3 1.13 4.88 -17.45
C HIS A 3 0.30 4.32 -16.30
N GLY A 4 -0.83 4.93 -16.01
CA GLY A 4 -1.70 4.43 -14.91
C GLY A 4 -1.69 5.47 -13.76
N PRO A 5 -2.38 5.16 -12.67
CA PRO A 5 -2.44 6.10 -11.52
C PRO A 5 -1.02 6.33 -10.96
N SER A 6 -0.93 6.93 -9.81
CA SER A 6 0.41 7.19 -9.20
C SER A 6 0.37 6.90 -7.70
N TRP A 7 -0.30 5.84 -7.30
CA TRP A 7 -0.37 5.51 -5.85
C TRP A 7 -0.30 3.99 -5.61
N CYS A 8 0.07 3.24 -6.62
CA CYS A 8 0.19 1.76 -6.45
C CYS A 8 1.66 1.38 -6.30
N LEU A 9 2.54 2.15 -6.90
CA LEU A 9 4.00 1.84 -6.80
C LEU A 9 4.65 2.65 -5.67
N THR A 10 4.06 3.76 -5.29
CA THR A 10 4.66 4.61 -4.21
C THR A 10 4.96 3.76 -2.95
N PRO A 11 5.99 4.13 -2.19
CA PRO A 11 6.33 3.34 -0.97
C PRO A 11 5.15 3.35 0.01
N ALA A 12 5.31 2.70 1.14
CA ALA A 12 4.22 2.66 2.15
C ALA A 12 4.45 3.71 3.23
N ASP A 13 3.41 4.43 3.60
CA ASP A 13 3.56 5.48 4.65
C ASP A 13 3.29 4.88 6.04
N ARG A 14 4.32 4.61 6.79
CA ARG A 14 4.13 4.01 8.15
C ARG A 14 4.96 4.77 9.18
N GLY A 15 4.74 6.06 9.33
CA GLY A 15 5.51 6.86 10.32
C GLY A 15 4.86 8.23 10.52
N LEU A 16 4.11 8.39 11.58
CA LEU A 16 3.44 9.70 11.85
C LEU A 16 2.80 9.67 13.25
N CYS A 17 1.89 8.75 13.48
CA CYS A 17 1.26 8.63 14.85
C CYS A 17 1.50 7.24 15.41
N ARG A 18 1.46 7.10 16.72
CA ARG A 18 1.71 5.76 17.34
C ARG A 18 0.51 4.83 17.19
N ALA A 19 0.63 3.87 16.31
CA ALA A 19 -0.49 2.89 16.09
C ALA A 19 0.05 1.64 15.40
N ASN A 20 -0.06 0.50 16.04
CA ASN A 20 0.44 -0.77 15.44
C ASN A 20 -0.64 -1.44 14.59
N GLU A 21 -0.92 -0.90 13.43
CA GLU A 21 -1.96 -1.49 12.54
C GLU A 21 -1.33 -2.52 11.60
N ASN A 22 -2.06 -2.94 10.60
CA ASN A 22 -1.51 -3.94 9.63
C ASN A 22 -2.12 -3.72 8.23
N ARG A 23 -1.61 -2.76 7.52
CA ARG A 23 -2.15 -2.45 6.16
C ARG A 23 -1.40 -3.27 5.09
N PHE A 24 -2.07 -3.60 4.02
CA PHE A 24 -1.41 -4.40 2.93
C PHE A 24 -0.76 -3.46 1.90
N TYR A 25 0.55 -3.39 1.91
CA TYR A 25 1.26 -2.50 0.94
C TYR A 25 1.60 -3.29 -0.34
N TYR A 26 1.66 -2.61 -1.46
CA TYR A 26 1.99 -3.31 -2.74
C TYR A 26 3.49 -3.23 -3.00
N ASN A 27 4.16 -4.36 -3.05
CA ASN A 27 5.63 -4.36 -3.32
C ASN A 27 5.90 -4.32 -4.82
N SER A 28 6.69 -3.39 -5.28
CA SER A 28 7.00 -3.29 -6.73
C SER A 28 8.10 -4.28 -7.13
N VAL A 29 8.59 -5.08 -6.22
CA VAL A 29 9.67 -6.05 -6.55
C VAL A 29 9.07 -7.46 -6.68
N ILE A 30 8.36 -7.91 -5.67
CA ILE A 30 7.76 -9.28 -5.73
C ILE A 30 6.36 -9.20 -6.34
N GLY A 31 5.68 -8.08 -6.19
CA GLY A 31 4.32 -7.93 -6.78
C GLY A 31 3.23 -8.29 -5.76
N LYS A 32 3.55 -9.12 -4.80
CA LYS A 32 2.53 -9.51 -3.78
C LYS A 32 2.33 -8.40 -2.74
N CYS A 33 1.15 -8.30 -2.20
CA CYS A 33 0.88 -7.24 -1.18
C CYS A 33 1.48 -7.64 0.17
N ARG A 34 2.58 -7.03 0.54
CA ARG A 34 3.23 -7.36 1.83
C ARG A 34 2.63 -6.51 2.97
N PRO A 35 1.99 -7.14 3.95
CA PRO A 35 1.39 -6.36 5.06
C PRO A 35 2.46 -5.63 5.87
N PHE A 36 2.28 -4.36 6.09
CA PHE A 36 3.28 -3.58 6.88
C PHE A 36 2.58 -2.96 8.11
N LYS A 37 3.28 -2.77 9.18
CA LYS A 37 2.64 -2.18 10.39
C LYS A 37 2.33 -0.71 10.15
N TYR A 38 1.14 -0.40 9.71
CA TYR A 38 0.77 1.02 9.45
C TYR A 38 0.77 1.81 10.76
N SER A 39 1.09 3.07 10.68
CA SER A 39 1.12 3.93 11.90
C SER A 39 1.11 5.40 11.49
N GLY A 40 0.45 5.72 10.41
CA GLY A 40 0.42 7.13 9.93
C GLY A 40 -1.00 7.71 10.01
N CYS A 41 -1.93 7.02 10.63
CA CYS A 41 -3.33 7.54 10.73
C CYS A 41 -3.88 7.81 9.31
N GLY A 42 -3.70 8.99 8.78
CA GLY A 42 -4.19 9.28 7.39
C GLY A 42 -3.23 8.61 6.40
N GLY A 43 -2.04 9.13 6.29
CA GLY A 43 -1.02 8.52 5.37
C GLY A 43 -1.40 8.71 3.90
N ASN A 44 -0.72 8.02 3.02
CA ASN A 44 -1.00 8.14 1.55
C ASN A 44 -2.40 7.61 1.24
N GLU A 45 -2.66 7.32 -0.01
CA GLU A 45 -4.01 6.79 -0.39
C GLU A 45 -3.90 5.36 -0.91
N ASN A 46 -2.82 4.67 -0.59
CA ASN A 46 -2.66 3.26 -1.06
C ASN A 46 -2.76 2.30 0.13
N ASN A 47 -3.62 2.61 1.07
CA ASN A 47 -3.78 1.73 2.26
C ASN A 47 -4.85 0.66 2.01
N PHE A 48 -4.44 -0.54 1.70
CA PHE A 48 -5.42 -1.63 1.45
C PHE A 48 -5.72 -2.37 2.75
N THR A 49 -6.98 -2.60 3.05
CA THR A 49 -7.35 -3.32 4.30
C THR A 49 -7.19 -4.83 4.11
N SER A 50 -7.49 -5.31 2.93
CA SER A 50 -7.36 -6.77 2.66
C SER A 50 -6.57 -7.00 1.37
N LYS A 51 -6.52 -8.22 0.90
CA LYS A 51 -5.77 -8.51 -0.36
C LYS A 51 -6.71 -8.44 -1.57
N GLN A 52 -7.99 -8.66 -1.35
CA GLN A 52 -8.96 -8.61 -2.49
C GLN A 52 -8.93 -7.21 -3.14
N GLU A 53 -8.82 -6.18 -2.34
CA GLU A 53 -8.77 -4.81 -2.93
C GLU A 53 -7.33 -4.47 -3.34
N CYS A 54 -6.36 -5.01 -2.64
CA CYS A 54 -4.94 -4.73 -2.99
C CYS A 54 -4.64 -5.21 -4.42
N LEU A 55 -5.14 -6.37 -4.77
CA LEU A 55 -4.88 -6.91 -6.14
C LEU A 55 -5.85 -6.28 -7.16
N ARG A 56 -7.13 -6.32 -6.88
CA ARG A 56 -8.13 -5.74 -7.83
C ARG A 56 -7.82 -4.27 -8.15
N ALA A 57 -7.06 -3.61 -7.29
CA ALA A 57 -6.73 -2.19 -7.56
C ALA A 57 -5.40 -2.05 -8.30
N CYS A 58 -4.31 -2.45 -7.68
CA CYS A 58 -2.99 -2.32 -8.38
C CYS A 58 -2.78 -3.49 -9.35
N LYS A 59 -2.98 -4.70 -8.91
CA LYS A 59 -2.80 -5.87 -9.82
C LYS A 59 -4.12 -6.23 -10.52
N LYS A 60 -4.73 -5.28 -11.16
CA LYS A 60 -6.03 -5.57 -11.87
C LYS A 60 -5.81 -6.61 -12.97
N GLY A 61 -6.43 -7.76 -12.83
CA GLY A 61 -6.27 -8.83 -13.86
C GLY A 61 -7.20 -10.00 -13.52
N GLU A 1 9.14 6.05 -19.80
CA GLU A 1 9.07 4.59 -19.51
C GLU A 1 7.72 4.23 -18.91
N PHE A 2 6.77 3.87 -19.76
CA PHE A 2 5.40 3.50 -19.25
C PHE A 2 4.84 4.61 -18.34
N HIS A 3 4.12 5.54 -18.91
CA HIS A 3 3.54 6.65 -18.08
C HIS A 3 2.35 6.13 -17.27
N GLY A 4 2.49 6.06 -15.97
CA GLY A 4 1.38 5.56 -15.12
C GLY A 4 1.20 6.52 -13.91
N PRO A 5 0.26 6.21 -13.03
CA PRO A 5 0.04 7.07 -11.85
C PRO A 5 1.29 7.13 -10.98
N SER A 6 1.13 7.45 -9.72
CA SER A 6 2.32 7.54 -8.81
C SER A 6 1.92 7.11 -7.39
N TRP A 7 1.06 6.14 -7.26
CA TRP A 7 0.65 5.66 -5.90
C TRP A 7 0.55 4.13 -5.85
N CYS A 8 1.17 3.44 -6.78
CA CYS A 8 1.13 1.95 -6.77
C CYS A 8 2.54 1.40 -6.51
N LEU A 9 3.54 2.08 -7.02
CA LEU A 9 4.95 1.63 -6.80
C LEU A 9 5.61 2.45 -5.68
N THR A 10 5.01 3.54 -5.27
CA THR A 10 5.61 4.39 -4.20
C THR A 10 5.81 3.56 -2.91
N PRO A 11 6.81 3.92 -2.10
CA PRO A 11 7.06 3.17 -0.85
C PRO A 11 5.83 3.23 0.07
N ALA A 12 5.87 2.52 1.16
CA ALA A 12 4.72 2.53 2.11
C ALA A 12 5.01 3.48 3.26
N ASP A 13 4.00 4.16 3.76
CA ASP A 13 4.21 5.11 4.89
C ASP A 13 4.23 4.34 6.21
N ARG A 14 5.30 4.47 6.95
CA ARG A 14 5.42 3.75 8.26
C ARG A 14 6.03 4.67 9.32
N GLY A 15 5.55 5.90 9.42
CA GLY A 15 6.12 6.84 10.43
C GLY A 15 5.08 7.89 10.82
N LEU A 16 5.52 9.12 11.02
CA LEU A 16 4.59 10.23 11.41
C LEU A 16 3.80 9.85 12.69
N CYS A 17 2.65 9.24 12.55
CA CYS A 17 1.85 8.84 13.75
C CYS A 17 2.48 7.58 14.36
N ARG A 18 1.83 6.98 15.33
CA ARG A 18 2.39 5.74 15.96
C ARG A 18 1.30 4.68 16.11
N ALA A 19 0.59 4.38 15.05
CA ALA A 19 -0.49 3.35 15.12
C ALA A 19 0.03 2.01 14.61
N ASN A 20 -0.25 0.94 15.32
CA ASN A 20 0.23 -0.40 14.88
C ASN A 20 -0.82 -1.08 13.99
N GLU A 21 -1.23 -0.44 12.93
CA GLU A 21 -2.24 -1.06 12.01
C GLU A 21 -1.54 -1.98 11.01
N ASN A 22 -2.19 -3.04 10.61
CA ASN A 22 -1.57 -3.98 9.63
C ASN A 22 -2.15 -3.77 8.24
N ARG A 23 -1.64 -2.82 7.50
CA ARG A 23 -2.17 -2.56 6.12
C ARG A 23 -1.40 -3.38 5.09
N PHE A 24 -2.02 -3.67 3.97
CA PHE A 24 -1.31 -4.46 2.91
C PHE A 24 -0.62 -3.51 1.91
N TYR A 25 0.70 -3.49 1.94
CA TYR A 25 1.45 -2.59 1.00
C TYR A 25 1.74 -3.32 -0.31
N TYR A 26 1.68 -2.63 -1.41
CA TYR A 26 1.96 -3.27 -2.74
C TYR A 26 3.46 -3.43 -2.94
N ASN A 27 3.95 -4.65 -2.96
CA ASN A 27 5.41 -4.87 -3.17
C ASN A 27 5.78 -4.68 -4.64
N SER A 28 6.59 -3.70 -4.94
CA SER A 28 6.98 -3.45 -6.37
C SER A 28 8.04 -4.46 -6.85
N VAL A 29 8.49 -5.36 -5.99
CA VAL A 29 9.51 -6.36 -6.42
C VAL A 29 8.83 -7.68 -6.74
N ILE A 30 8.13 -8.25 -5.78
CA ILE A 30 7.44 -9.54 -6.03
C ILE A 30 6.05 -9.29 -6.67
N GLY A 31 5.37 -8.25 -6.23
CA GLY A 31 4.04 -7.94 -6.83
C GLY A 31 2.91 -8.09 -5.81
N LYS A 32 2.91 -9.16 -5.06
CA LYS A 32 1.81 -9.38 -4.06
C LYS A 32 1.82 -8.26 -3.00
N CYS A 33 0.74 -8.12 -2.28
CA CYS A 33 0.66 -7.05 -1.24
C CYS A 33 1.15 -7.59 0.11
N ARG A 34 2.27 -7.10 0.58
CA ARG A 34 2.83 -7.58 1.89
C ARG A 34 2.28 -6.70 3.04
N PRO A 35 1.73 -7.31 4.09
CA PRO A 35 1.20 -6.51 5.22
C PRO A 35 2.33 -5.79 5.97
N PHE A 36 2.13 -4.53 6.28
CA PHE A 36 3.17 -3.77 7.04
C PHE A 36 2.50 -3.03 8.20
N LYS A 37 3.27 -2.41 9.07
CA LYS A 37 2.66 -1.68 10.22
C LYS A 37 2.33 -0.24 9.81
N TYR A 38 1.08 0.01 9.49
CA TYR A 38 0.68 1.38 9.08
C TYR A 38 0.53 2.28 10.31
N SER A 39 1.39 3.26 10.44
CA SER A 39 1.31 4.18 11.60
C SER A 39 0.82 5.55 11.14
N GLY A 40 1.41 6.07 10.09
CA GLY A 40 1.03 7.41 9.55
C GLY A 40 -0.49 7.57 9.45
N CYS A 41 -1.01 8.62 10.02
CA CYS A 41 -2.48 8.88 9.95
C CYS A 41 -2.85 9.30 8.52
N GLY A 42 -1.89 9.70 7.72
CA GLY A 42 -2.18 10.11 6.32
C GLY A 42 -1.29 9.29 5.37
N GLY A 43 -0.02 9.61 5.32
CA GLY A 43 0.93 8.84 4.45
C GLY A 43 0.48 8.88 2.99
N ASN A 44 1.10 8.09 2.16
CA ASN A 44 0.73 8.05 0.70
C ASN A 44 -0.71 7.60 0.54
N GLU A 45 -1.10 7.27 -0.67
CA GLU A 45 -2.50 6.82 -0.92
C GLU A 45 -2.50 5.36 -1.40
N ASN A 46 -1.64 4.54 -0.85
CA ASN A 46 -1.59 3.11 -1.27
C ASN A 46 -1.80 2.20 -0.07
N ASN A 47 -2.53 2.67 0.91
CA ASN A 47 -2.79 1.84 2.13
C ASN A 47 -4.06 1.01 1.95
N PHE A 48 -3.92 -0.24 1.60
CA PHE A 48 -5.11 -1.12 1.41
C PHE A 48 -5.47 -1.81 2.72
N THR A 49 -6.74 -1.97 3.00
CA THR A 49 -7.17 -2.64 4.26
C THR A 49 -7.18 -4.17 4.08
N SER A 50 -7.25 -4.64 2.86
CA SER A 50 -7.26 -6.10 2.61
C SER A 50 -6.33 -6.45 1.44
N LYS A 51 -6.14 -7.71 1.16
CA LYS A 51 -5.25 -8.10 0.03
C LYS A 51 -6.05 -8.25 -1.26
N GLN A 52 -7.25 -8.78 -1.17
CA GLN A 52 -8.10 -8.95 -2.40
C GLN A 52 -8.33 -7.59 -3.07
N GLU A 53 -8.38 -6.54 -2.29
CA GLU A 53 -8.60 -5.18 -2.88
C GLU A 53 -7.28 -4.61 -3.38
N CYS A 54 -6.19 -4.95 -2.74
CA CYS A 54 -4.85 -4.43 -3.19
C CYS A 54 -4.58 -4.90 -4.62
N LEU A 55 -4.74 -6.17 -4.89
CA LEU A 55 -4.50 -6.68 -6.27
C LEU A 55 -5.59 -6.17 -7.20
N ARG A 56 -6.83 -6.35 -6.84
CA ARG A 56 -7.96 -5.87 -7.70
C ARG A 56 -7.84 -4.37 -7.99
N ALA A 57 -7.07 -3.64 -7.20
CA ALA A 57 -6.93 -2.18 -7.43
C ALA A 57 -5.70 -1.84 -8.27
N CYS A 58 -4.53 -2.32 -7.89
CA CYS A 58 -3.29 -1.97 -8.67
C CYS A 58 -3.10 -2.91 -9.88
N LYS A 59 -3.49 -4.17 -9.78
CA LYS A 59 -3.30 -5.10 -10.94
C LYS A 59 -3.99 -4.55 -12.20
N LYS A 60 -5.29 -4.38 -12.12
CA LYS A 60 -6.05 -3.83 -13.30
C LYS A 60 -7.24 -3.01 -12.83
N GLY A 61 -7.13 -2.41 -11.67
CA GLY A 61 -8.25 -1.58 -11.13
C GLY A 61 -8.32 -0.25 -11.88
N GLU A 1 9.66 3.36 -14.61
CA GLU A 1 9.22 4.73 -14.23
C GLU A 1 7.92 5.08 -14.97
N PHE A 2 7.98 5.22 -16.28
CA PHE A 2 6.76 5.56 -17.08
C PHE A 2 6.09 6.82 -16.52
N HIS A 3 4.96 7.19 -17.07
CA HIS A 3 4.23 8.40 -16.57
C HIS A 3 2.83 8.01 -16.10
N GLY A 4 2.65 6.80 -15.66
CA GLY A 4 1.30 6.35 -15.19
C GLY A 4 0.98 7.03 -13.84
N PRO A 5 0.14 6.41 -13.03
CA PRO A 5 -0.21 7.02 -11.72
C PRO A 5 1.04 7.15 -10.85
N SER A 6 0.94 7.82 -9.73
CA SER A 6 2.12 7.98 -8.83
C SER A 6 1.80 7.56 -7.40
N TRP A 7 0.95 6.57 -7.23
CA TRP A 7 0.61 6.12 -5.84
C TRP A 7 0.49 4.58 -5.74
N CYS A 8 0.78 3.85 -6.80
CA CYS A 8 0.71 2.35 -6.70
C CYS A 8 2.12 1.78 -6.53
N LEU A 9 3.11 2.48 -7.03
CA LEU A 9 4.53 2.00 -6.90
C LEU A 9 5.24 2.70 -5.74
N THR A 10 4.57 3.58 -5.02
CA THR A 10 5.25 4.29 -3.89
C THR A 10 5.64 3.29 -2.78
N PRO A 11 6.73 3.58 -2.06
CA PRO A 11 7.16 2.67 -0.98
C PRO A 11 6.08 2.54 0.10
N ALA A 12 6.20 1.56 0.96
CA ALA A 12 5.18 1.39 2.04
C ALA A 12 5.19 2.59 2.98
N ASP A 13 4.35 3.56 2.72
CA ASP A 13 4.31 4.78 3.59
C ASP A 13 3.96 4.40 5.03
N ARG A 14 4.89 4.55 5.94
CA ARG A 14 4.63 4.20 7.37
C ARG A 14 3.70 5.24 7.99
N GLY A 15 4.00 6.51 7.83
CA GLY A 15 3.14 7.57 8.41
C GLY A 15 3.99 8.56 9.20
N LEU A 16 3.59 8.88 10.40
CA LEU A 16 4.36 9.85 11.24
C LEU A 16 4.28 9.47 12.71
N CYS A 17 3.09 9.45 13.27
CA CYS A 17 2.95 9.09 14.72
C CYS A 17 3.41 7.66 14.97
N ARG A 18 3.07 7.11 16.11
CA ARG A 18 3.51 5.71 16.42
C ARG A 18 2.28 4.80 16.60
N ALA A 19 2.01 3.98 15.63
CA ALA A 19 0.84 3.05 15.73
C ALA A 19 1.15 1.74 15.01
N ASN A 20 1.02 0.63 15.69
CA ASN A 20 1.34 -0.69 15.05
C ASN A 20 0.09 -1.28 14.40
N GLU A 21 -0.29 -0.77 13.24
CA GLU A 21 -1.50 -1.31 12.55
C GLU A 21 -1.09 -2.45 11.61
N ASN A 22 -1.95 -2.81 10.68
CA ASN A 22 -1.61 -3.92 9.74
C ASN A 22 -2.20 -3.64 8.35
N ARG A 23 -1.67 -2.69 7.64
CA ARG A 23 -2.18 -2.37 6.27
C ARG A 23 -1.44 -3.20 5.22
N PHE A 24 -2.02 -3.39 4.07
CA PHE A 24 -1.36 -4.20 3.00
C PHE A 24 -0.54 -3.32 2.05
N TYR A 25 0.76 -3.50 2.03
CA TYR A 25 1.62 -2.70 1.11
C TYR A 25 1.75 -3.43 -0.24
N TYR A 26 1.73 -2.70 -1.33
CA TYR A 26 1.86 -3.35 -2.66
C TYR A 26 3.34 -3.44 -3.06
N ASN A 27 3.87 -4.63 -3.16
CA ASN A 27 5.30 -4.79 -3.53
C ASN A 27 5.46 -4.58 -5.04
N SER A 28 6.20 -3.57 -5.43
CA SER A 28 6.41 -3.29 -6.88
C SER A 28 7.43 -4.26 -7.49
N VAL A 29 8.02 -5.13 -6.68
CA VAL A 29 9.02 -6.10 -7.22
C VAL A 29 8.34 -7.45 -7.47
N ILE A 30 7.73 -8.01 -6.46
CA ILE A 30 7.04 -9.33 -6.63
C ILE A 30 5.58 -9.14 -7.04
N GLY A 31 4.93 -8.11 -6.54
CA GLY A 31 3.51 -7.87 -6.89
C GLY A 31 2.62 -8.25 -5.72
N LYS A 32 3.01 -9.27 -5.00
CA LYS A 32 2.21 -9.72 -3.81
C LYS A 32 2.10 -8.57 -2.80
N CYS A 33 0.91 -8.31 -2.31
CA CYS A 33 0.73 -7.22 -1.31
C CYS A 33 1.12 -7.71 0.09
N ARG A 34 2.24 -7.27 0.60
CA ARG A 34 2.70 -7.72 1.95
C ARG A 34 2.15 -6.78 3.05
N PRO A 35 1.61 -7.33 4.14
CA PRO A 35 1.08 -6.47 5.23
C PRO A 35 2.21 -5.73 5.95
N PHE A 36 1.99 -4.47 6.26
CA PHE A 36 3.05 -3.69 6.98
C PHE A 36 2.42 -2.96 8.17
N LYS A 37 3.23 -2.40 9.03
CA LYS A 37 2.67 -1.68 10.22
C LYS A 37 2.49 -0.19 9.91
N TYR A 38 1.29 0.21 9.57
CA TYR A 38 1.02 1.64 9.24
C TYR A 38 0.78 2.42 10.54
N SER A 39 0.85 3.73 10.48
CA SER A 39 0.62 4.54 11.72
C SER A 39 -0.80 5.11 11.75
N GLY A 40 -1.21 5.74 10.67
CA GLY A 40 -2.58 6.32 10.62
C GLY A 40 -2.50 7.84 10.81
N CYS A 41 -1.40 8.44 10.46
CA CYS A 41 -1.26 9.93 10.61
C CYS A 41 -0.67 10.53 9.33
N GLY A 42 -1.44 10.53 8.26
CA GLY A 42 -0.93 11.10 6.98
C GLY A 42 -0.71 9.97 5.98
N GLY A 43 0.54 9.62 5.73
CA GLY A 43 0.83 8.52 4.77
C GLY A 43 0.34 8.91 3.37
N ASN A 44 0.47 8.03 2.41
CA ASN A 44 0.02 8.34 1.03
C ASN A 44 -1.45 7.94 0.85
N GLU A 45 -1.87 7.65 -0.35
CA GLU A 45 -3.29 7.26 -0.58
C GLU A 45 -3.37 5.82 -1.12
N ASN A 46 -2.39 5.00 -0.83
CA ASN A 46 -2.42 3.59 -1.34
C ASN A 46 -2.49 2.63 -0.15
N ASN A 47 -3.17 3.00 0.90
CA ASN A 47 -3.28 2.10 2.09
C ASN A 47 -4.39 1.08 1.88
N PHE A 48 -4.05 -0.10 1.44
CA PHE A 48 -5.10 -1.15 1.21
C PHE A 48 -5.35 -1.91 2.52
N THR A 49 -6.58 -2.29 2.77
CA THR A 49 -6.90 -3.05 4.02
C THR A 49 -7.22 -4.51 3.70
N SER A 50 -6.77 -4.99 2.57
CA SER A 50 -7.04 -6.43 2.20
C SER A 50 -6.24 -6.81 0.96
N LYS A 51 -5.83 -8.05 0.86
CA LYS A 51 -5.04 -8.48 -0.33
C LYS A 51 -5.93 -8.56 -1.56
N GLN A 52 -7.17 -8.97 -1.38
CA GLN A 52 -8.11 -9.06 -2.54
C GLN A 52 -8.35 -7.67 -3.12
N GLU A 53 -8.35 -6.67 -2.28
CA GLU A 53 -8.58 -5.28 -2.76
C GLU A 53 -7.27 -4.69 -3.30
N CYS A 54 -6.17 -5.01 -2.67
CA CYS A 54 -4.85 -4.47 -3.15
C CYS A 54 -4.62 -4.88 -4.60
N LEU A 55 -4.83 -6.13 -4.91
CA LEU A 55 -4.64 -6.61 -6.32
C LEU A 55 -5.76 -6.07 -7.20
N ARG A 56 -6.99 -6.15 -6.74
CA ARG A 56 -8.14 -5.64 -7.56
C ARG A 56 -7.96 -4.16 -7.93
N ALA A 57 -7.09 -3.46 -7.24
CA ALA A 57 -6.89 -2.02 -7.56
C ALA A 57 -5.61 -1.78 -8.38
N CYS A 58 -4.46 -2.16 -7.86
CA CYS A 58 -3.18 -1.90 -8.60
C CYS A 58 -3.05 -2.79 -9.85
N LYS A 59 -3.57 -4.00 -9.84
CA LYS A 59 -3.44 -4.87 -11.08
C LYS A 59 -4.02 -4.13 -12.29
N LYS A 60 -5.30 -3.87 -12.27
CA LYS A 60 -5.95 -3.16 -13.41
C LYS A 60 -7.28 -2.56 -12.95
N GLY A 61 -7.37 -2.21 -11.69
CA GLY A 61 -8.64 -1.62 -11.15
C GLY A 61 -8.66 -0.11 -11.45
#